data_7Q6N
#
_entry.id   7Q6N
#
_cell.length_a   92.160
_cell.length_b   92.810
_cell.length_c   93.970
_cell.angle_alpha   90.000
_cell.angle_beta   90.000
_cell.angle_gamma   90.000
#
_symmetry.space_group_name_H-M   'P 21 21 21'
#
loop_
_entity.id
_entity.type
_entity.pdbx_description
1 polymer 'NAD(P)H dehydrogenase (quinone)'
2 non-polymer 2-azanyl-4,6-bis(bromanyl)phenol
3 non-polymer 'FLAVIN MONONUCLEOTIDE'
4 non-polymer 'TETRAETHYLENE GLYCOL'
5 water water
#
_entity_poly.entity_id   1
_entity_poly.type   'polypeptide(L)'
_entity_poly.pdbx_seq_one_letter_code
;MHHHHHHGKPIPNPLLGLDSTENLYFQGIDPFTMAKILVLYYSMYGHIETMAHAVAEGAKKVDGAEVIIKRVPETMPPEI
FAKAGGKTQNAPVATPQELADYDAIIFGTPTRFGNMSGQMRTFLDQTGGLWASGSLYGKLGSVFSSTGTGGGQEQTITST
WTTLAHHGMVIVPIGYAAQELFDVSQVRGGTPYGATTIAGGDGSRQPSQEELSIARYQGEYVAGLAVKLNG
;
_entity_poly.pdbx_strand_id   A,B,C,D
#
# COMPACT_ATOMS: atom_id res chain seq x y z
N MET A 34 -31.41 5.27 -15.92
CA MET A 34 -30.88 3.86 -16.06
C MET A 34 -29.59 3.56 -15.23
N ALA A 35 -28.76 4.59 -15.01
CA ALA A 35 -27.63 4.47 -14.11
C ALA A 35 -27.23 5.87 -13.68
N LYS A 36 -26.80 6.00 -12.45
CA LYS A 36 -26.40 7.29 -11.92
C LYS A 36 -24.98 7.31 -11.42
N ILE A 37 -24.23 8.30 -11.92
CA ILE A 37 -22.83 8.48 -11.64
C ILE A 37 -22.64 9.78 -10.88
N LEU A 38 -21.99 9.70 -9.72
CA LEU A 38 -21.53 10.85 -8.97
C LEU A 38 -20.04 10.99 -9.20
N VAL A 39 -19.62 12.16 -9.66
CA VAL A 39 -18.21 12.53 -9.66
C VAL A 39 -18.00 13.44 -8.47
N LEU A 40 -17.35 12.91 -7.43
CA LEU A 40 -17.14 13.59 -6.15
C LEU A 40 -15.69 13.97 -5.98
N TYR A 41 -15.44 15.26 -5.77
CA TYR A 41 -14.04 15.67 -5.79
C TYR A 41 -13.78 16.69 -4.70
N TYR A 42 -12.49 16.81 -4.39
CA TYR A 42 -11.97 17.93 -3.64
C TYR A 42 -10.95 18.66 -4.50
N SER A 43 -11.00 19.98 -4.48
CA SER A 43 -10.02 20.75 -5.21
C SER A 43 -9.76 22.10 -4.55
N MET A 44 -8.47 22.46 -4.45
CA MET A 44 -8.03 23.75 -3.92
C MET A 44 -7.72 24.75 -5.01
N TYR A 45 -6.96 24.33 -6.03
CA TYR A 45 -6.49 25.23 -7.08
C TYR A 45 -7.09 24.90 -8.45
N GLY A 46 -8.06 23.98 -8.49
CA GLY A 46 -8.84 23.73 -9.69
C GLY A 46 -8.34 22.59 -10.58
N HIS A 47 -7.16 22.02 -10.28
CA HIS A 47 -6.67 20.96 -11.16
C HIS A 47 -7.57 19.74 -11.11
N ILE A 48 -7.91 19.29 -9.89
CA ILE A 48 -8.85 18.19 -9.77
C ILE A 48 -10.20 18.59 -10.35
N GLU A 49 -10.60 19.83 -10.13
CA GLU A 49 -11.90 20.27 -10.67
C GLU A 49 -11.96 20.10 -12.18
N THR A 50 -10.90 20.53 -12.88
CA THR A 50 -10.83 20.34 -14.32
C THR A 50 -10.88 18.85 -14.70
N MET A 51 -10.14 17.99 -13.98
CA MET A 51 -10.18 16.55 -14.27
C MET A 51 -11.58 16.02 -14.07
N ALA A 52 -12.28 16.52 -13.03
CA ALA A 52 -13.60 16.00 -12.72
C ALA A 52 -14.58 16.27 -13.84
N HIS A 53 -14.45 17.43 -14.47
CA HIS A 53 -15.36 17.79 -15.57
C HIS A 53 -15.10 16.91 -16.79
N ALA A 54 -13.84 16.54 -17.02
CA ALA A 54 -13.59 15.60 -18.12
C ALA A 54 -14.11 14.21 -17.76
N VAL A 55 -13.93 13.78 -16.52
CA VAL A 55 -14.50 12.50 -16.10
C VAL A 55 -16.00 12.51 -16.35
N ALA A 56 -16.69 13.56 -15.91
CA ALA A 56 -18.13 13.63 -16.12
C ALA A 56 -18.47 13.68 -17.62
N GLU A 57 -17.67 14.42 -18.40
CA GLU A 57 -17.88 14.51 -19.83
C GLU A 57 -17.80 13.13 -20.48
N GLY A 58 -16.82 12.33 -20.05
CA GLY A 58 -16.70 10.97 -20.56
C GLY A 58 -17.87 10.11 -20.15
N ALA A 59 -18.29 10.22 -18.89
CA ALA A 59 -19.43 9.46 -18.40
C ALA A 59 -20.71 9.83 -19.13
N LYS A 60 -20.87 11.11 -19.51
CA LYS A 60 -22.08 11.50 -20.25
C LYS A 60 -22.19 10.90 -21.65
N LYS A 61 -21.12 10.32 -22.16
CA LYS A 61 -21.22 9.72 -23.46
C LYS A 61 -22.02 8.44 -23.42
N VAL A 62 -22.24 7.86 -22.24
CA VAL A 62 -22.89 6.57 -22.14
C VAL A 62 -24.41 6.76 -22.07
N ASP A 63 -25.12 6.18 -23.04
CA ASP A 63 -26.58 6.29 -23.04
C ASP A 63 -27.15 5.69 -21.76
N GLY A 64 -28.00 6.46 -21.14
CA GLY A 64 -28.64 6.04 -19.92
C GLY A 64 -27.94 6.44 -18.65
N ALA A 65 -26.78 7.08 -18.74
CA ALA A 65 -26.04 7.49 -17.55
C ALA A 65 -26.41 8.93 -17.23
N GLU A 66 -26.92 9.13 -16.02
CA GLU A 66 -27.14 10.43 -15.44
C GLU A 66 -25.97 10.76 -14.53
N VAL A 67 -25.25 11.84 -14.83
CA VAL A 67 -23.98 12.16 -14.18
C VAL A 67 -24.06 13.56 -13.56
N ILE A 68 -23.56 13.67 -12.36
CA ILE A 68 -23.52 14.96 -11.68
C ILE A 68 -22.19 15.11 -10.97
N ILE A 69 -21.66 16.32 -10.98
CA ILE A 69 -20.44 16.68 -10.29
C ILE A 69 -20.79 17.40 -9.00
N LYS A 70 -20.20 16.93 -7.88
CA LYS A 70 -20.30 17.58 -6.60
C LYS A 70 -18.95 17.59 -5.88
N ARG A 71 -18.76 18.61 -5.05
CA ARG A 71 -17.50 18.75 -4.34
C ARG A 71 -17.66 18.37 -2.88
N VAL A 72 -16.56 17.98 -2.28
CA VAL A 72 -16.50 17.78 -0.82
C VAL A 72 -16.33 19.16 -0.19
N PRO A 73 -16.88 19.40 0.99
CA PRO A 73 -16.75 20.74 1.58
C PRO A 73 -15.31 21.06 1.96
N GLU A 74 -14.92 22.32 1.71
CA GLU A 74 -13.66 22.83 2.22
C GLU A 74 -13.73 22.73 3.72
N THR A 75 -12.60 22.40 4.36
CA THR A 75 -12.56 22.42 5.82
C THR A 75 -11.70 23.52 6.43
N MET A 76 -10.79 24.10 5.67
CA MET A 76 -9.91 25.07 6.30
C MET A 76 -10.67 26.37 6.51
N PRO A 77 -10.25 27.21 7.44
CA PRO A 77 -10.99 28.45 7.70
C PRO A 77 -11.05 29.28 6.43
N PRO A 78 -12.16 30.00 6.21
CA PRO A 78 -12.29 30.77 4.96
C PRO A 78 -11.21 31.85 4.77
N GLU A 79 -10.79 32.54 5.84
CA GLU A 79 -9.76 33.55 5.61
C GLU A 79 -8.45 32.92 5.16
N ILE A 80 -8.19 31.67 5.55
CA ILE A 80 -6.93 31.02 5.18
C ILE A 80 -6.96 30.53 3.73
N PHE A 81 -8.11 30.00 3.29
CA PHE A 81 -8.35 29.67 1.88
C PHE A 81 -8.23 30.89 0.99
N ALA A 82 -8.79 32.01 1.41
CA ALA A 82 -8.63 33.22 0.60
C ALA A 82 -7.16 33.60 0.48
N LYS A 83 -6.46 33.62 1.61
CA LYS A 83 -5.07 34.06 1.60
C LYS A 83 -4.19 33.12 0.78
N ALA A 84 -4.47 31.84 0.85
CA ALA A 84 -3.78 30.82 0.09
C ALA A 84 -4.13 30.83 -1.39
N GLY A 85 -5.04 31.69 -1.81
CA GLY A 85 -5.41 31.73 -3.20
C GLY A 85 -6.25 30.55 -3.67
N GLY A 86 -7.07 29.99 -2.78
CA GLY A 86 -7.98 28.95 -3.20
C GLY A 86 -8.92 29.45 -4.28
N LYS A 87 -9.24 28.57 -5.20
CA LYS A 87 -10.03 28.92 -6.38
C LYS A 87 -11.52 28.76 -6.11
N THR A 88 -12.29 29.80 -6.44
CA THR A 88 -13.75 29.71 -6.40
C THR A 88 -14.19 28.66 -7.42
N GLN A 89 -15.21 27.87 -7.07
CA GLN A 89 -15.62 26.68 -7.83
C GLN A 89 -17.13 26.68 -7.95
N ASN A 90 -17.63 26.16 -9.08
CA ASN A 90 -19.05 26.25 -9.37
C ASN A 90 -19.87 25.11 -8.78
N ALA A 91 -19.30 23.94 -8.59
CA ALA A 91 -20.11 22.80 -8.21
C ALA A 91 -20.75 22.94 -6.82
N PRO A 92 -21.94 22.40 -6.67
CA PRO A 92 -22.54 22.31 -5.35
C PRO A 92 -21.79 21.34 -4.46
N VAL A 93 -21.96 21.55 -3.18
CA VAL A 93 -21.38 20.68 -2.17
C VAL A 93 -22.24 19.45 -1.98
N ALA A 94 -21.59 18.29 -1.89
CA ALA A 94 -22.24 17.04 -1.56
C ALA A 94 -22.31 16.89 -0.05
N THR A 95 -23.35 16.19 0.43
CA THR A 95 -23.35 15.70 1.79
C THR A 95 -22.98 14.22 1.80
N PRO A 96 -22.44 13.71 2.89
CA PRO A 96 -22.11 12.28 2.94
C PRO A 96 -23.27 11.33 2.65
N GLN A 97 -24.46 11.64 3.17
N GLN A 97 -24.47 11.64 3.16
CA GLN A 97 -25.57 10.68 3.09
CA GLN A 97 -25.57 10.70 3.09
C GLN A 97 -25.96 10.39 1.65
C GLN A 97 -25.98 10.41 1.65
N GLU A 98 -25.80 11.37 0.76
CA GLU A 98 -26.27 11.20 -0.60
C GLU A 98 -25.41 10.28 -1.45
N LEU A 99 -24.24 9.84 -0.98
CA LEU A 99 -23.46 8.91 -1.80
C LEU A 99 -24.26 7.67 -2.15
N ALA A 100 -25.17 7.26 -1.27
CA ALA A 100 -25.95 6.05 -1.48
C ALA A 100 -26.96 6.16 -2.61
N ASP A 101 -27.19 7.36 -3.15
CA ASP A 101 -28.14 7.53 -4.24
C ASP A 101 -27.58 7.17 -5.60
N TYR A 102 -26.28 6.83 -5.70
CA TYR A 102 -25.65 6.63 -7.00
C TYR A 102 -25.25 5.17 -7.20
N ASP A 103 -25.15 4.80 -8.47
CA ASP A 103 -24.72 3.46 -8.81
C ASP A 103 -23.20 3.36 -8.89
N ALA A 104 -22.53 4.47 -9.16
CA ALA A 104 -21.08 4.54 -9.23
C ALA A 104 -20.65 5.91 -8.74
N ILE A 105 -19.56 5.94 -7.98
CA ILE A 105 -18.97 7.17 -7.49
C ILE A 105 -17.51 7.20 -7.93
N ILE A 106 -17.12 8.28 -8.59
CA ILE A 106 -15.76 8.48 -9.04
C ILE A 106 -15.17 9.63 -8.21
N PHE A 107 -14.22 9.25 -7.36
CA PHE A 107 -13.63 10.12 -6.36
C PHE A 107 -12.40 10.80 -6.92
N GLY A 108 -12.35 12.13 -6.82
CA GLY A 108 -11.17 12.85 -7.22
C GLY A 108 -10.57 13.56 -6.05
N THR A 109 -9.25 13.39 -5.87
CA THR A 109 -8.55 14.12 -4.84
C THR A 109 -7.12 14.43 -5.19
N PRO A 110 -6.64 15.63 -4.86
CA PRO A 110 -5.21 15.91 -4.92
C PRO A 110 -4.53 15.12 -3.84
N THR A 111 -3.22 14.90 -4.02
CA THR A 111 -2.44 14.19 -3.02
C THR A 111 -2.01 15.13 -1.92
N ARG A 112 -1.91 14.58 -0.72
CA ARG A 112 -1.27 15.20 0.45
C ARG A 112 -0.29 14.14 0.93
N PHE A 113 0.97 14.28 0.55
CA PHE A 113 2.01 13.34 0.99
C PHE A 113 1.57 11.90 0.75
N GLY A 114 0.97 11.67 -0.41
CA GLY A 114 0.66 10.33 -0.83
C GLY A 114 -0.63 9.74 -0.31
N ASN A 115 -1.42 10.53 0.41
CA ASN A 115 -2.82 10.20 0.73
C ASN A 115 -3.82 11.13 0.04
N MET A 116 -5.09 10.77 0.15
CA MET A 116 -6.14 11.71 -0.16
C MET A 116 -6.06 12.90 0.77
N SER A 117 -6.68 13.99 0.37
CA SER A 117 -6.62 15.18 1.19
C SER A 117 -7.41 14.97 2.48
N GLY A 118 -7.02 15.74 3.49
CA GLY A 118 -7.81 15.78 4.71
C GLY A 118 -9.26 16.11 4.47
N GLN A 119 -9.53 17.02 3.53
CA GLN A 119 -10.91 17.35 3.25
C GLN A 119 -11.69 16.12 2.81
N MET A 120 -11.11 15.33 1.92
CA MET A 120 -11.78 14.11 1.44
C MET A 120 -11.86 13.07 2.55
N ARG A 121 -10.80 12.93 3.33
CA ARG A 121 -10.80 12.04 4.48
C ARG A 121 -11.84 12.45 5.53
N THR A 122 -11.95 13.76 5.82
CA THR A 122 -12.95 14.21 6.81
C THR A 122 -14.36 13.84 6.34
N PHE A 123 -14.67 14.10 5.07
CA PHE A 123 -15.98 13.76 4.48
C PHE A 123 -16.23 12.26 4.54
N LEU A 124 -15.26 11.44 4.08
CA LEU A 124 -15.49 10.00 4.10
C LEU A 124 -15.60 9.47 5.51
N ASP A 125 -14.92 10.11 6.46
CA ASP A 125 -15.09 9.74 7.87
C ASP A 125 -16.52 9.90 8.37
N GLN A 126 -17.37 10.64 7.64
CA GLN A 126 -18.77 10.85 8.03
C GLN A 126 -19.74 9.91 7.29
N THR A 127 -19.21 8.88 6.62
CA THR A 127 -20.01 7.86 5.96
C THR A 127 -20.24 6.62 6.82
N GLY A 128 -20.01 6.71 8.12
CA GLY A 128 -20.18 5.54 8.95
C GLY A 128 -21.62 5.05 8.99
N GLY A 129 -22.56 5.98 8.96
CA GLY A 129 -23.96 5.59 8.87
C GLY A 129 -24.23 4.78 7.62
N LEU A 130 -23.71 5.25 6.46
CA LEU A 130 -23.83 4.49 5.22
C LEU A 130 -23.19 3.11 5.35
N TRP A 131 -22.06 3.04 6.06
CA TRP A 131 -21.33 1.78 6.19
C TRP A 131 -22.15 0.77 6.98
N ALA A 132 -22.70 1.22 8.11
CA ALA A 132 -23.43 0.33 9.01
C ALA A 132 -24.69 -0.23 8.37
N SER A 133 -25.28 0.48 7.42
CA SER A 133 -26.47 -0.01 6.73
C SER A 133 -26.14 -0.63 5.36
N GLY A 134 -24.85 -0.84 5.05
CA GLY A 134 -24.46 -1.39 3.77
C GLY A 134 -24.89 -0.61 2.55
N SER A 135 -25.07 0.70 2.65
CA SER A 135 -25.69 1.48 1.58
C SER A 135 -24.80 1.66 0.35
N LEU A 136 -23.50 1.61 0.51
CA LEU A 136 -22.62 1.70 -0.64
C LEU A 136 -22.19 0.34 -1.14
N TYR A 137 -22.72 -0.73 -0.53
CA TYR A 137 -22.18 -2.06 -0.81
C TYR A 137 -22.44 -2.45 -2.25
N GLY A 138 -21.40 -2.93 -2.91
CA GLY A 138 -21.58 -3.42 -4.26
C GLY A 138 -21.63 -2.37 -5.33
N LYS A 139 -21.65 -1.09 -4.96
CA LYS A 139 -21.59 0.00 -5.92
C LYS A 139 -20.18 0.14 -6.50
N LEU A 140 -20.10 0.77 -7.65
CA LEU A 140 -18.82 0.96 -8.31
C LEU A 140 -18.10 2.19 -7.74
N GLY A 141 -16.82 2.01 -7.43
CA GLY A 141 -15.99 3.11 -7.02
C GLY A 141 -14.73 3.13 -7.88
N SER A 142 -14.23 4.34 -8.11
CA SER A 142 -13.09 4.56 -8.99
C SER A 142 -12.46 5.87 -8.59
N VAL A 143 -11.16 6.04 -8.86
CA VAL A 143 -10.43 7.17 -8.27
C VAL A 143 -9.51 7.85 -9.28
N PHE A 144 -9.38 9.17 -9.15
CA PHE A 144 -8.42 9.97 -9.91
C PHE A 144 -7.76 10.98 -8.98
N SER A 145 -6.54 11.37 -9.33
CA SER A 145 -5.77 12.19 -8.42
C SER A 145 -4.93 13.22 -9.17
N SER A 146 -4.21 14.01 -8.39
CA SER A 146 -3.42 15.11 -8.88
C SER A 146 -2.26 15.28 -7.90
N THR A 147 -1.12 15.69 -8.42
CA THR A 147 0.03 15.98 -7.57
C THR A 147 0.79 17.16 -8.15
N GLY A 148 1.72 17.66 -7.35
CA GLY A 148 2.57 18.75 -7.83
C GLY A 148 3.65 18.28 -8.76
N THR A 149 4.31 17.17 -8.42
CA THR A 149 5.45 16.73 -9.21
C THR A 149 5.42 15.23 -9.49
N GLY A 150 4.25 14.59 -9.34
CA GLY A 150 4.05 13.21 -9.75
C GLY A 150 4.13 12.24 -8.60
N GLY A 151 5.10 12.48 -7.76
CA GLY A 151 5.32 11.61 -6.64
C GLY A 151 4.13 11.47 -5.71
N GLY A 152 3.70 10.23 -5.49
CA GLY A 152 2.56 9.90 -4.66
C GLY A 152 1.28 9.67 -5.44
N GLN A 153 1.27 9.91 -6.75
CA GLN A 153 0.01 9.85 -7.49
C GLN A 153 -0.60 8.45 -7.41
N GLU A 154 0.23 7.41 -7.32
CA GLU A 154 -0.28 6.03 -7.25
C GLU A 154 -0.75 5.70 -5.84
N GLN A 155 0.10 6.00 -4.86
CA GLN A 155 -0.24 5.70 -3.48
C GLN A 155 -1.54 6.37 -3.08
N THR A 156 -1.82 7.55 -3.63
CA THR A 156 -3.08 8.23 -3.33
C THR A 156 -4.27 7.42 -3.81
N ILE A 157 -4.20 6.91 -5.04
CA ILE A 157 -5.32 6.14 -5.57
C ILE A 157 -5.49 4.86 -4.78
N THR A 158 -4.41 4.10 -4.63
CA THR A 158 -4.54 2.79 -4.00
C THR A 158 -4.96 2.91 -2.54
N SER A 159 -4.40 3.87 -1.82
CA SER A 159 -4.84 4.02 -0.45
C SER A 159 -6.28 4.50 -0.36
N THR A 160 -6.82 5.16 -1.39
CA THR A 160 -8.24 5.48 -1.33
C THR A 160 -9.09 4.25 -1.50
N TRP A 161 -8.64 3.37 -2.42
CA TRP A 161 -9.31 2.11 -2.67
C TRP A 161 -9.56 1.36 -1.38
N THR A 162 -8.60 1.41 -0.45
CA THR A 162 -8.82 0.73 0.82
C THR A 162 -10.16 1.13 1.44
N THR A 163 -10.46 2.44 1.46
CA THR A 163 -11.71 2.89 2.05
C THR A 163 -12.88 2.38 1.24
N LEU A 164 -12.78 2.39 -0.09
CA LEU A 164 -13.87 1.85 -0.88
C LEU A 164 -14.15 0.39 -0.50
N ALA A 165 -13.07 -0.40 -0.30
CA ALA A 165 -13.22 -1.81 0.07
C ALA A 165 -13.95 -1.98 1.40
N HIS A 166 -13.68 -1.11 2.38
CA HIS A 166 -14.35 -1.27 3.67
C HIS A 166 -15.85 -1.11 3.52
N HIS A 167 -16.26 -0.27 2.57
CA HIS A 167 -17.67 -0.13 2.22
C HIS A 167 -18.16 -1.23 1.30
N GLY A 168 -17.29 -2.14 0.89
CA GLY A 168 -17.70 -3.18 -0.02
C GLY A 168 -17.96 -2.72 -1.45
N MET A 169 -17.43 -1.59 -1.85
CA MET A 169 -17.62 -1.13 -3.21
C MET A 169 -16.74 -1.94 -4.18
N VAL A 170 -17.21 -2.08 -5.41
CA VAL A 170 -16.42 -2.68 -6.48
C VAL A 170 -15.43 -1.64 -7.00
N ILE A 171 -14.16 -2.00 -6.98
CA ILE A 171 -13.08 -1.06 -7.29
C ILE A 171 -12.73 -1.20 -8.75
N VAL A 172 -12.78 -0.09 -9.47
CA VAL A 172 -12.56 -0.06 -10.90
C VAL A 172 -11.27 0.65 -11.28
N PRO A 173 -10.19 -0.08 -11.57
CA PRO A 173 -9.03 0.53 -12.20
C PRO A 173 -9.29 0.65 -13.69
N ILE A 174 -8.40 1.38 -14.36
CA ILE A 174 -8.57 1.60 -15.78
C ILE A 174 -7.59 0.82 -16.63
N GLY A 175 -6.55 0.23 -16.04
CA GLY A 175 -5.64 -0.54 -16.86
C GLY A 175 -5.04 0.31 -17.97
N TYR A 176 -4.81 -0.34 -19.13
CA TYR A 176 -4.13 0.28 -20.26
C TYR A 176 -5.03 0.37 -21.49
N ALA A 177 -6.33 0.47 -21.25
CA ALA A 177 -7.25 0.74 -22.34
C ALA A 177 -6.96 2.11 -22.95
N ALA A 178 -6.53 3.08 -22.12
CA ALA A 178 -6.20 4.44 -22.58
C ALA A 178 -4.81 4.44 -23.20
N GLN A 179 -4.77 4.62 -24.53
CA GLN A 179 -3.52 4.48 -25.27
C GLN A 179 -2.49 5.52 -24.95
N GLU A 180 -2.90 6.66 -24.43
CA GLU A 180 -1.92 7.66 -24.01
C GLU A 180 -0.94 7.09 -22.96
N LEU A 181 -1.33 6.04 -22.24
CA LEU A 181 -0.48 5.49 -21.21
C LEU A 181 0.74 4.75 -21.76
N PHE A 182 0.76 4.42 -23.06
CA PHE A 182 1.95 3.79 -23.65
C PHE A 182 3.01 4.82 -24.08
N ASP A 183 2.67 6.10 -24.11
CA ASP A 183 3.55 7.18 -24.59
C ASP A 183 4.28 7.80 -23.42
N VAL A 184 5.60 7.64 -23.39
CA VAL A 184 6.43 8.28 -22.38
C VAL A 184 7.40 9.27 -23.01
N SER A 185 6.99 9.85 -24.12
CA SER A 185 7.77 10.88 -24.78
C SER A 185 7.59 12.27 -24.14
N GLN A 186 6.56 12.46 -23.32
CA GLN A 186 6.32 13.74 -22.67
C GLN A 186 5.79 13.49 -21.26
N VAL A 187 5.91 14.53 -20.42
CA VAL A 187 5.37 14.52 -19.06
C VAL A 187 3.85 14.43 -19.13
N ARG A 188 3.29 13.48 -18.39
CA ARG A 188 1.87 13.11 -18.56
C ARG A 188 1.47 12.26 -17.35
N GLY A 189 0.43 12.70 -16.66
CA GLY A 189 -0.14 11.90 -15.62
C GLY A 189 -0.99 10.77 -16.20
N GLY A 190 -1.61 10.04 -15.30
CA GLY A 190 -2.35 8.88 -15.74
C GLY A 190 -1.62 7.60 -15.40
N THR A 191 -2.34 6.69 -14.79
CA THR A 191 -1.83 5.39 -14.34
C THR A 191 -2.91 4.34 -14.57
N PRO A 192 -2.52 3.06 -14.56
CA PRO A 192 -3.55 2.01 -14.70
C PRO A 192 -4.52 2.00 -13.53
N TYR A 193 -4.18 2.68 -12.43
CA TYR A 193 -5.05 2.71 -11.27
C TYR A 193 -6.15 3.78 -11.39
N GLY A 194 -5.89 4.81 -12.18
CA GLY A 194 -6.83 5.87 -12.43
C GLY A 194 -6.11 7.04 -13.05
N ALA A 195 -6.93 7.97 -13.56
CA ALA A 195 -6.41 9.15 -14.21
C ALA A 195 -5.70 10.02 -13.21
N THR A 196 -4.68 10.72 -13.68
CA THR A 196 -4.02 11.72 -12.83
C THR A 196 -3.54 12.89 -13.67
N THR A 197 -3.21 14.00 -12.99
CA THR A 197 -2.62 15.16 -13.64
C THR A 197 -1.48 15.67 -12.77
N ILE A 198 -0.57 16.39 -13.40
CA ILE A 198 0.61 16.97 -12.77
C ILE A 198 0.47 18.48 -12.82
N ALA A 199 0.38 19.10 -11.64
CA ALA A 199 0.11 20.53 -11.57
C ALA A 199 1.38 21.38 -11.61
N GLY A 200 2.55 20.79 -11.40
CA GLY A 200 3.76 21.56 -11.21
C GLY A 200 3.93 21.99 -9.78
N GLY A 201 5.19 22.18 -9.40
CA GLY A 201 5.51 22.59 -8.05
C GLY A 201 4.77 23.83 -7.60
N ASP A 202 4.58 24.79 -8.52
CA ASP A 202 3.89 26.04 -8.24
C ASP A 202 2.43 26.05 -8.72
N GLY A 203 1.91 24.92 -9.16
CA GLY A 203 0.54 24.86 -9.63
C GLY A 203 0.27 25.43 -11.01
N SER A 204 1.29 25.86 -11.75
CA SER A 204 1.05 26.57 -13.00
C SER A 204 0.73 25.66 -14.19
N ARG A 205 0.99 24.38 -14.09
CA ARG A 205 0.69 23.50 -15.21
C ARG A 205 -0.81 23.17 -15.25
N GLN A 206 -1.40 23.25 -16.43
CA GLN A 206 -2.79 22.83 -16.60
C GLN A 206 -2.86 21.40 -17.09
N PRO A 207 -3.95 20.69 -16.83
CA PRO A 207 -4.08 19.32 -17.34
C PRO A 207 -3.96 19.32 -18.85
N SER A 208 -3.13 18.41 -19.37
CA SER A 208 -2.94 18.32 -20.82
C SER A 208 -4.10 17.57 -21.46
N GLN A 209 -4.17 17.72 -22.79
CA GLN A 209 -5.14 16.97 -23.59
C GLN A 209 -5.03 15.46 -23.34
N GLU A 210 -3.80 14.95 -23.20
CA GLU A 210 -3.64 13.52 -22.97
C GLU A 210 -4.17 13.13 -21.59
N GLU A 211 -3.90 13.96 -20.57
CA GLU A 211 -4.38 13.60 -19.25
C GLU A 211 -5.90 13.66 -19.20
N LEU A 212 -6.49 14.68 -19.83
CA LEU A 212 -7.93 14.82 -19.83
C LEU A 212 -8.58 13.67 -20.61
N SER A 213 -7.91 13.20 -21.67
CA SER A 213 -8.49 12.11 -22.44
C SER A 213 -8.58 10.83 -21.62
N ILE A 214 -7.55 10.58 -20.81
CA ILE A 214 -7.57 9.44 -19.92
C ILE A 214 -8.68 9.58 -18.90
N ALA A 215 -8.85 10.80 -18.37
CA ALA A 215 -9.91 11.04 -17.39
C ALA A 215 -11.28 10.79 -18.03
N ARG A 216 -11.45 11.31 -19.24
CA ARG A 216 -12.66 11.06 -20.00
C ARG A 216 -12.88 9.58 -20.21
N TYR A 217 -11.81 8.84 -20.55
CA TYR A 217 -11.96 7.40 -20.71
C TYR A 217 -12.44 6.77 -19.41
N GLN A 218 -11.81 7.12 -18.30
CA GLN A 218 -12.22 6.58 -17.01
C GLN A 218 -13.71 6.82 -16.75
N GLY A 219 -14.17 8.04 -17.00
CA GLY A 219 -15.57 8.35 -16.82
C GLY A 219 -16.46 7.48 -17.67
N GLU A 220 -16.12 7.35 -18.96
CA GLU A 220 -16.94 6.56 -19.89
C GLU A 220 -16.94 5.07 -19.54
N TYR A 221 -15.77 4.55 -19.18
CA TYR A 221 -15.66 3.15 -18.80
C TYR A 221 -16.47 2.86 -17.54
N VAL A 222 -16.29 3.66 -16.48
CA VAL A 222 -17.05 3.40 -15.26
C VAL A 222 -18.56 3.50 -15.54
N ALA A 223 -18.98 4.51 -16.28
CA ALA A 223 -20.42 4.68 -16.51
C ALA A 223 -21.01 3.51 -17.27
N GLY A 224 -20.30 3.03 -18.30
CA GLY A 224 -20.78 1.88 -19.03
C GLY A 224 -20.94 0.69 -18.13
N LEU A 225 -20.01 0.54 -17.18
CA LEU A 225 -20.13 -0.54 -16.21
C LEU A 225 -21.36 -0.34 -15.33
N ALA A 226 -21.63 0.89 -14.90
CA ALA A 226 -22.81 1.15 -14.09
C ALA A 226 -24.09 0.81 -14.83
N VAL A 227 -24.16 1.17 -16.11
CA VAL A 227 -25.33 0.85 -16.92
C VAL A 227 -25.48 -0.66 -17.09
N LYS A 228 -24.38 -1.38 -17.36
CA LYS A 228 -24.47 -2.82 -17.54
C LYS A 228 -24.97 -3.52 -16.29
N LEU A 229 -24.53 -3.08 -15.12
CA LEU A 229 -24.94 -3.72 -13.86
C LEU A 229 -26.38 -3.37 -13.46
N ASN A 230 -27.04 -2.45 -14.14
CA ASN A 230 -28.43 -2.10 -13.82
C ASN A 230 -29.48 -2.66 -14.77
N THR B 33 -22.19 -22.37 -18.21
CA THR B 33 -23.30 -21.88 -19.09
C THR B 33 -23.42 -20.35 -19.05
N MET B 34 -23.57 -19.76 -17.87
CA MET B 34 -23.72 -18.30 -17.82
C MET B 34 -22.50 -17.55 -17.36
N ALA B 35 -21.60 -18.17 -16.59
CA ALA B 35 -20.35 -17.50 -16.23
C ALA B 35 -19.31 -18.56 -15.90
N LYS B 36 -18.07 -18.23 -16.20
CA LYS B 36 -16.97 -19.13 -15.94
C LYS B 36 -16.05 -18.54 -14.89
N ILE B 37 -15.86 -19.27 -13.80
CA ILE B 37 -15.08 -18.79 -12.66
C ILE B 37 -13.88 -19.69 -12.50
N LEU B 38 -12.69 -19.09 -12.47
CA LEU B 38 -11.46 -19.79 -12.12
C LEU B 38 -11.05 -19.43 -10.71
N VAL B 39 -10.87 -20.45 -9.88
CA VAL B 39 -10.28 -20.31 -8.55
C VAL B 39 -8.84 -20.78 -8.70
N LEU B 40 -7.92 -19.83 -8.78
CA LEU B 40 -6.52 -20.09 -9.09
C LEU B 40 -5.70 -19.85 -7.84
N TYR B 41 -4.94 -20.85 -7.42
CA TYR B 41 -4.27 -20.70 -6.14
C TYR B 41 -2.86 -21.28 -6.16
N TYR B 42 -2.09 -20.86 -5.16
CA TYR B 42 -0.88 -21.54 -4.79
C TYR B 42 -1.00 -21.94 -3.32
N SER B 43 -0.55 -23.15 -3.00
CA SER B 43 -0.54 -23.65 -1.63
C SER B 43 0.65 -24.59 -1.45
N MET B 44 1.32 -24.44 -0.31
CA MET B 44 2.44 -25.28 0.11
C MET B 44 2.02 -26.39 1.04
N TYR B 45 1.26 -26.06 2.08
CA TYR B 45 0.90 -27.01 3.12
C TYR B 45 -0.58 -27.26 3.15
N GLY B 46 -1.32 -26.77 2.14
CA GLY B 46 -2.72 -27.11 1.96
C GLY B 46 -3.73 -26.12 2.50
N HIS B 47 -3.31 -25.06 3.19
CA HIS B 47 -4.29 -24.17 3.79
C HIS B 47 -5.05 -23.39 2.74
N ILE B 48 -4.35 -22.76 1.81
CA ILE B 48 -5.02 -22.08 0.70
C ILE B 48 -5.85 -23.08 -0.11
N GLU B 49 -5.33 -24.28 -0.31
CA GLU B 49 -6.09 -25.30 -1.04
C GLU B 49 -7.43 -25.54 -0.36
N THR B 50 -7.44 -25.70 0.97
CA THR B 50 -8.69 -25.85 1.68
C THR B 50 -9.57 -24.61 1.49
N MET B 51 -8.98 -23.42 1.58
CA MET B 51 -9.75 -22.22 1.33
C MET B 51 -10.29 -22.20 -0.09
N ALA B 52 -9.49 -22.70 -1.05
CA ALA B 52 -9.89 -22.64 -2.45
C ALA B 52 -11.13 -23.48 -2.69
N HIS B 53 -11.20 -24.64 -2.04
CA HIS B 53 -12.37 -25.48 -2.24
C HIS B 53 -13.61 -24.83 -1.66
N ALA B 54 -13.47 -24.12 -0.53
CA ALA B 54 -14.62 -23.40 0.01
C ALA B 54 -15.02 -22.24 -0.89
N VAL B 55 -14.05 -21.52 -1.45
CA VAL B 55 -14.38 -20.45 -2.39
C VAL B 55 -15.17 -21.01 -3.58
N ALA B 56 -14.71 -22.13 -4.14
CA ALA B 56 -15.39 -22.72 -5.29
C ALA B 56 -16.80 -23.18 -4.92
N GLU B 57 -16.94 -23.81 -3.75
CA GLU B 57 -18.25 -24.24 -3.28
C GLU B 57 -19.21 -23.05 -3.19
N GLY B 58 -18.72 -21.91 -2.74
CA GLY B 58 -19.57 -20.72 -2.73
C GLY B 58 -19.98 -20.28 -4.13
N ALA B 59 -19.02 -20.23 -5.06
CA ALA B 59 -19.36 -19.85 -6.43
C ALA B 59 -20.32 -20.84 -7.08
N LYS B 60 -20.23 -22.14 -6.72
CA LYS B 60 -21.09 -23.16 -7.32
C LYS B 60 -22.56 -23.04 -6.90
N LYS B 61 -22.85 -22.21 -5.88
CA LYS B 61 -24.23 -21.97 -5.47
C LYS B 61 -24.97 -21.05 -6.44
N VAL B 62 -24.26 -20.40 -7.34
CA VAL B 62 -24.85 -19.50 -8.33
C VAL B 62 -25.28 -20.33 -9.53
N ASP B 63 -26.58 -20.30 -9.82
CA ASP B 63 -27.12 -21.02 -10.97
C ASP B 63 -26.42 -20.50 -12.23
N GLY B 64 -25.91 -21.41 -13.06
CA GLY B 64 -25.27 -21.00 -14.30
C GLY B 64 -23.78 -20.72 -14.21
N ALA B 65 -23.19 -20.81 -13.04
CA ALA B 65 -21.76 -20.57 -12.88
C ALA B 65 -21.01 -21.88 -13.04
N GLU B 66 -20.08 -21.90 -13.98
CA GLU B 66 -19.14 -23.00 -14.11
C GLU B 66 -17.88 -22.61 -13.34
N VAL B 67 -17.47 -23.44 -12.38
CA VAL B 67 -16.39 -23.14 -11.46
C VAL B 67 -15.34 -24.23 -11.55
N ILE B 68 -14.08 -23.82 -11.67
CA ILE B 68 -12.98 -24.78 -11.69
C ILE B 68 -11.85 -24.27 -10.81
N ILE B 69 -11.21 -25.20 -10.14
CA ILE B 69 -10.06 -24.94 -9.28
C ILE B 69 -8.79 -25.37 -10.01
N LYS B 70 -7.82 -24.48 -10.09
CA LYS B 70 -6.51 -24.84 -10.61
C LYS B 70 -5.43 -24.17 -9.78
N ARG B 71 -4.28 -24.81 -9.77
CA ARG B 71 -3.11 -24.32 -9.06
C ARG B 71 -2.05 -23.86 -10.05
N VAL B 72 -1.21 -22.95 -9.59
CA VAL B 72 -0.03 -22.55 -10.34
C VAL B 72 1.09 -23.57 -10.12
N PRO B 73 2.03 -23.67 -11.04
CA PRO B 73 3.10 -24.66 -10.90
C PRO B 73 4.00 -24.37 -9.71
N GLU B 74 4.43 -25.43 -9.05
CA GLU B 74 5.50 -25.32 -8.06
C GLU B 74 6.79 -24.86 -8.75
N THR B 75 7.59 -24.06 -8.04
CA THR B 75 8.90 -23.63 -8.55
C THR B 75 10.10 -24.27 -7.84
N MET B 76 9.95 -24.79 -6.64
CA MET B 76 11.09 -25.41 -6.01
C MET B 76 11.24 -26.85 -6.50
N PRO B 77 12.45 -27.36 -6.53
CA PRO B 77 12.66 -28.71 -7.05
C PRO B 77 11.81 -29.69 -6.29
N PRO B 78 11.34 -30.75 -6.95
CA PRO B 78 10.45 -31.70 -6.27
C PRO B 78 11.07 -32.31 -5.02
N GLU B 79 12.37 -32.61 -5.06
CA GLU B 79 13.03 -33.21 -3.89
C GLU B 79 13.09 -32.21 -2.74
N ILE B 80 13.23 -30.94 -3.04
CA ILE B 80 13.30 -30.03 -1.90
C ILE B 80 11.89 -29.79 -1.32
N PHE B 81 10.88 -29.77 -2.18
CA PHE B 81 9.49 -29.66 -1.72
C PHE B 81 9.11 -30.84 -0.82
N ALA B 82 9.53 -32.04 -1.20
CA ALA B 82 9.27 -33.21 -0.37
C ALA B 82 9.93 -33.06 1.00
N LYS B 83 11.22 -32.70 1.03
CA LYS B 83 11.93 -32.61 2.31
C LYS B 83 11.28 -31.55 3.20
N ALA B 84 10.77 -30.48 2.60
CA ALA B 84 10.03 -29.49 3.38
C ALA B 84 8.64 -29.97 3.79
N GLY B 85 8.21 -31.14 3.34
CA GLY B 85 6.89 -31.63 3.70
C GLY B 85 5.75 -30.95 2.97
N GLY B 86 5.97 -30.57 1.72
CA GLY B 86 4.90 -29.97 0.95
C GLY B 86 3.74 -30.94 0.75
N LYS B 87 2.54 -30.38 0.70
CA LYS B 87 1.36 -31.20 0.49
C LYS B 87 1.14 -31.49 -1.00
N THR B 88 0.99 -32.78 -1.31
CA THR B 88 0.65 -33.21 -2.67
C THR B 88 -0.75 -32.72 -3.00
N GLN B 89 -0.95 -32.27 -4.25
CA GLN B 89 -2.22 -31.64 -4.60
C GLN B 89 -2.79 -32.14 -5.91
N ASN B 90 -4.12 -32.35 -5.93
CA ASN B 90 -4.76 -32.96 -7.08
C ASN B 90 -5.14 -31.98 -8.19
N ALA B 91 -5.35 -30.72 -7.86
CA ALA B 91 -5.88 -29.79 -8.85
C ALA B 91 -4.98 -29.78 -10.07
N PRO B 92 -5.54 -29.55 -11.26
CA PRO B 92 -4.69 -29.40 -12.46
C PRO B 92 -3.91 -28.11 -12.35
N VAL B 93 -2.74 -28.10 -12.97
CA VAL B 93 -1.90 -26.92 -13.01
C VAL B 93 -2.44 -26.04 -14.12
N ALA B 94 -2.58 -24.75 -13.83
CA ALA B 94 -3.04 -23.84 -14.87
C ALA B 94 -1.87 -23.41 -15.76
N THR B 95 -2.20 -23.05 -16.91
CA THR B 95 -1.31 -22.30 -17.77
C THR B 95 -1.65 -20.81 -17.76
N PRO B 96 -0.67 -19.95 -18.00
CA PRO B 96 -0.99 -18.51 -18.07
C PRO B 96 -2.07 -18.19 -19.09
N GLN B 97 -1.94 -18.78 -20.27
CA GLN B 97 -2.80 -18.42 -21.38
C GLN B 97 -4.26 -18.65 -21.09
N GLU B 98 -4.61 -19.69 -20.32
CA GLU B 98 -6.05 -20.00 -20.20
C GLU B 98 -6.79 -19.04 -19.28
N LEU B 99 -6.09 -18.16 -18.57
CA LEU B 99 -6.80 -17.20 -17.72
C LEU B 99 -7.80 -16.42 -18.55
N ALA B 100 -7.50 -16.23 -19.83
CA ALA B 100 -8.35 -15.45 -20.71
C ALA B 100 -9.70 -16.10 -20.96
N ASP B 101 -9.85 -17.38 -20.65
CA ASP B 101 -11.09 -18.12 -20.89
C ASP B 101 -12.13 -17.92 -19.81
N TYR B 102 -11.84 -17.17 -18.76
CA TYR B 102 -12.76 -17.00 -17.64
C TYR B 102 -13.29 -15.57 -17.54
N ASP B 103 -14.47 -15.45 -16.92
CA ASP B 103 -15.12 -14.17 -16.64
C ASP B 103 -14.67 -13.59 -15.30
N ALA B 104 -14.27 -14.44 -14.37
CA ALA B 104 -13.81 -13.99 -13.08
C ALA B 104 -12.74 -14.96 -12.59
N ILE B 105 -11.69 -14.40 -12.02
CA ILE B 105 -10.60 -15.16 -11.43
C ILE B 105 -10.47 -14.78 -9.96
N ILE B 106 -10.54 -15.78 -9.08
CA ILE B 106 -10.39 -15.61 -7.66
C ILE B 106 -9.06 -16.25 -7.27
N PHE B 107 -8.11 -15.38 -6.89
CA PHE B 107 -6.72 -15.72 -6.63
C PHE B 107 -6.48 -16.04 -5.15
N GLY B 108 -5.91 -17.22 -4.91
CA GLY B 108 -5.49 -17.62 -3.57
C GLY B 108 -3.97 -17.74 -3.46
N THR B 109 -3.42 -17.13 -2.43
CA THR B 109 -1.99 -17.26 -2.14
C THR B 109 -1.65 -17.15 -0.67
N PRO B 110 -0.73 -17.99 -0.17
CA PRO B 110 -0.15 -17.73 1.15
C PRO B 110 0.73 -16.48 1.12
N THR B 111 0.94 -15.90 2.29
CA THR B 111 1.79 -14.72 2.36
C THR B 111 3.25 -15.15 2.46
N ARG B 112 4.09 -14.34 1.85
CA ARG B 112 5.54 -14.37 1.95
C ARG B 112 5.93 -12.94 2.29
N PHE B 113 6.09 -12.67 3.59
CA PHE B 113 6.51 -11.35 4.08
C PHE B 113 5.66 -10.25 3.50
N GLY B 114 4.35 -10.51 3.46
CA GLY B 114 3.38 -9.51 3.09
C GLY B 114 3.16 -9.32 1.61
N ASN B 115 3.75 -10.17 0.75
CA ASN B 115 3.39 -10.28 -0.65
C ASN B 115 2.80 -11.66 -0.97
N MET B 116 2.34 -11.79 -2.21
CA MET B 116 2.02 -13.09 -2.77
C MET B 116 3.30 -13.94 -2.83
N SER B 117 3.10 -15.25 -2.87
CA SER B 117 4.24 -16.16 -2.93
C SER B 117 5.01 -16.01 -4.23
N GLY B 118 6.27 -16.41 -4.16
CA GLY B 118 7.11 -16.48 -5.35
C GLY B 118 6.48 -17.30 -6.45
N GLN B 119 5.81 -18.40 -6.09
CA GLN B 119 5.20 -19.24 -7.10
C GLN B 119 4.13 -18.50 -7.87
N MET B 120 3.28 -17.76 -7.14
CA MET B 120 2.22 -17.00 -7.77
C MET B 120 2.78 -15.84 -8.59
N ARG B 121 3.80 -15.17 -8.05
CA ARG B 121 4.42 -14.07 -8.77
C ARG B 121 5.04 -14.57 -10.08
N THR B 122 5.74 -15.70 -10.02
CA THR B 122 6.35 -16.27 -11.22
C THR B 122 5.30 -16.56 -12.27
N PHE B 123 4.18 -17.13 -11.84
CA PHE B 123 3.09 -17.43 -12.77
C PHE B 123 2.54 -16.15 -13.40
N LEU B 124 2.22 -15.16 -12.58
CA LEU B 124 1.66 -13.92 -13.13
C LEU B 124 2.68 -13.19 -13.99
N ASP B 125 3.98 -13.40 -13.72
CA ASP B 125 5.03 -12.84 -14.56
C ASP B 125 4.97 -13.37 -16.00
N GLN B 126 4.23 -14.44 -16.24
CA GLN B 126 4.10 -14.98 -17.58
C GLN B 126 2.82 -14.56 -18.28
N THR B 127 2.07 -13.59 -17.73
CA THR B 127 0.83 -13.13 -18.34
C THR B 127 0.99 -11.88 -19.21
N GLY B 128 2.22 -11.53 -19.59
CA GLY B 128 2.41 -10.35 -20.43
C GLY B 128 1.72 -10.49 -21.79
N GLY B 129 1.69 -11.70 -22.34
CA GLY B 129 0.95 -11.88 -23.58
C GLY B 129 -0.52 -11.55 -23.41
N LEU B 130 -1.15 -12.10 -22.39
CA LEU B 130 -2.51 -11.69 -22.06
C LEU B 130 -2.61 -10.18 -21.84
N TRP B 131 -1.58 -9.55 -21.24
CA TRP B 131 -1.62 -8.10 -21.01
C TRP B 131 -1.60 -7.31 -22.32
N ALA B 132 -0.73 -7.70 -23.26
CA ALA B 132 -0.60 -7.01 -24.53
C ALA B 132 -1.87 -7.07 -25.38
N SER B 133 -2.67 -8.11 -25.24
CA SER B 133 -3.89 -8.28 -26.01
C SER B 133 -5.14 -7.93 -25.19
N GLY B 134 -4.98 -7.31 -24.03
CA GLY B 134 -6.13 -6.91 -23.24
C GLY B 134 -7.03 -8.07 -22.88
N SER B 135 -6.46 -9.27 -22.80
CA SER B 135 -7.29 -10.44 -22.61
C SER B 135 -7.93 -10.52 -21.23
N LEU B 136 -7.36 -9.91 -20.21
CA LEU B 136 -7.99 -9.96 -18.90
C LEU B 136 -8.77 -8.69 -18.59
N TYR B 137 -8.86 -7.78 -19.55
CA TYR B 137 -9.43 -6.46 -19.28
C TYR B 137 -10.90 -6.57 -18.91
N GLY B 138 -11.28 -5.92 -17.82
CA GLY B 138 -12.67 -5.82 -17.42
C GLY B 138 -13.26 -7.02 -16.73
N LYS B 139 -12.52 -8.12 -16.64
CA LYS B 139 -12.94 -9.30 -15.91
C LYS B 139 -12.83 -9.05 -14.41
N LEU B 140 -13.56 -9.85 -13.66
CA LEU B 140 -13.58 -9.71 -12.21
C LEU B 140 -12.38 -10.44 -11.62
N GLY B 141 -11.64 -9.75 -10.76
CA GLY B 141 -10.56 -10.34 -9.99
C GLY B 141 -10.83 -10.11 -8.52
N SER B 142 -10.41 -11.09 -7.70
CA SER B 142 -10.64 -11.13 -6.25
C SER B 142 -9.58 -12.05 -5.63
N VAL B 143 -9.26 -11.76 -4.36
CA VAL B 143 -8.12 -12.37 -3.70
C VAL B 143 -8.44 -12.83 -2.28
N PHE B 144 -7.84 -13.98 -1.93
CA PHE B 144 -7.84 -14.52 -0.57
C PHE B 144 -6.44 -15.06 -0.26
N SER B 145 -6.08 -15.01 1.02
CA SER B 145 -4.74 -15.34 1.42
C SER B 145 -4.72 -16.16 2.71
N SER B 146 -3.50 -16.37 3.20
CA SER B 146 -3.23 -17.20 4.35
C SER B 146 -1.89 -16.77 4.92
N THR B 147 -1.80 -16.83 6.25
CA THR B 147 -0.57 -16.45 6.92
C THR B 147 -0.38 -17.36 8.11
N GLY B 148 0.83 -17.35 8.65
CA GLY B 148 1.07 -18.08 9.89
C GLY B 148 0.47 -17.40 11.11
N THR B 149 0.57 -16.07 11.16
CA THR B 149 0.23 -15.30 12.35
C THR B 149 -0.61 -14.07 12.10
N GLY B 150 -1.18 -13.92 10.92
CA GLY B 150 -2.08 -12.79 10.66
C GLY B 150 -1.32 -11.63 10.01
N GLY B 151 -0.15 -11.33 10.53
CA GLY B 151 0.60 -10.20 10.02
C GLY B 151 0.90 -10.32 8.55
N GLY B 152 0.46 -9.33 7.79
CA GLY B 152 0.66 -9.28 6.36
C GLY B 152 -0.53 -9.72 5.53
N GLN B 153 -1.56 -10.25 6.16
CA GLN B 153 -2.69 -10.77 5.40
C GLN B 153 -3.34 -9.68 4.57
N GLU B 154 -3.35 -8.45 5.06
CA GLU B 154 -3.98 -7.39 4.27
C GLU B 154 -3.08 -6.94 3.13
N GLN B 155 -1.83 -6.71 3.48
CA GLN B 155 -0.86 -6.27 2.49
C GLN B 155 -0.76 -7.27 1.34
N THR B 156 -0.90 -8.56 1.63
CA THR B 156 -0.84 -9.56 0.58
C THR B 156 -1.97 -9.37 -0.41
N ILE B 157 -3.21 -9.20 0.09
CA ILE B 157 -4.34 -9.02 -0.80
C ILE B 157 -4.17 -7.74 -1.59
N THR B 158 -3.84 -6.63 -0.89
CA THR B 158 -3.81 -5.34 -1.56
C THR B 158 -2.70 -5.24 -2.56
N SER B 159 -1.53 -5.76 -2.24
CA SER B 159 -0.47 -5.70 -3.24
C SER B 159 -0.76 -6.62 -4.43
N THR B 160 -1.60 -7.67 -4.25
CA THR B 160 -2.00 -8.44 -5.42
C THR B 160 -2.95 -7.64 -6.29
N TRP B 161 -3.82 -6.82 -5.67
CA TRP B 161 -4.74 -5.97 -6.40
C TRP B 161 -4.02 -5.15 -7.45
N THR B 162 -2.83 -4.67 -7.12
CA THR B 162 -2.04 -3.89 -8.07
C THR B 162 -1.89 -4.64 -9.38
N THR B 163 -1.53 -5.92 -9.33
CA THR B 163 -1.34 -6.66 -10.58
C THR B 163 -2.65 -6.77 -11.34
N LEU B 164 -3.73 -7.10 -10.66
CA LEU B 164 -5.02 -7.13 -11.33
C LEU B 164 -5.30 -5.78 -11.99
N ALA B 165 -4.97 -4.67 -11.30
CA ALA B 165 -5.24 -3.35 -11.89
C ALA B 165 -4.48 -3.14 -13.21
N HIS B 166 -3.22 -3.56 -13.30
CA HIS B 166 -2.46 -3.40 -14.54
C HIS B 166 -3.12 -4.16 -15.71
N HIS B 167 -3.76 -5.28 -15.42
CA HIS B 167 -4.53 -6.03 -16.41
C HIS B 167 -5.91 -5.42 -16.65
N GLY B 168 -6.25 -4.35 -15.94
CA GLY B 168 -7.54 -3.75 -16.08
C GLY B 168 -8.66 -4.57 -15.50
N MET B 169 -8.34 -5.50 -14.60
CA MET B 169 -9.40 -6.28 -14.00
C MET B 169 -10.20 -5.43 -13.01
N VAL B 170 -11.48 -5.77 -12.89
CA VAL B 170 -12.36 -5.17 -11.89
C VAL B 170 -12.08 -5.83 -10.55
N ILE B 171 -11.73 -5.03 -9.54
CA ILE B 171 -11.29 -5.57 -8.26
C ILE B 171 -12.49 -5.70 -7.33
N VAL B 172 -12.70 -6.90 -6.78
CA VAL B 172 -13.87 -7.16 -5.91
C VAL B 172 -13.44 -7.41 -4.47
N PRO B 173 -13.55 -6.42 -3.59
CA PRO B 173 -13.40 -6.67 -2.16
C PRO B 173 -14.72 -7.23 -1.65
N ILE B 174 -14.71 -7.76 -0.42
CA ILE B 174 -15.93 -8.34 0.16
C ILE B 174 -16.55 -7.45 1.22
N GLY B 175 -15.87 -6.40 1.68
CA GLY B 175 -16.49 -5.54 2.67
C GLY B 175 -16.86 -6.35 3.90
N TYR B 176 -17.99 -5.99 4.54
CA TYR B 176 -18.44 -6.58 5.79
C TYR B 176 -19.81 -7.25 5.68
N ALA B 177 -20.11 -7.79 4.50
CA ALA B 177 -21.33 -8.57 4.36
C ALA B 177 -21.31 -9.83 5.21
N ALA B 178 -20.16 -10.46 5.38
CA ALA B 178 -20.05 -11.66 6.21
C ALA B 178 -20.01 -11.22 7.66
N GLN B 179 -21.10 -11.51 8.41
CA GLN B 179 -21.21 -11.07 9.80
C GLN B 179 -20.07 -11.64 10.65
N GLU B 180 -19.44 -12.74 10.20
CA GLU B 180 -18.32 -13.31 10.94
C GLU B 180 -17.19 -12.29 11.14
N LEU B 181 -17.10 -11.26 10.26
CA LEU B 181 -16.05 -10.24 10.38
C LEU B 181 -16.27 -9.33 11.59
N PHE B 182 -17.45 -9.36 12.18
CA PHE B 182 -17.75 -8.59 13.38
C PHE B 182 -17.39 -9.29 14.68
N ASP B 183 -17.10 -10.60 14.68
CA ASP B 183 -16.87 -11.34 15.92
C ASP B 183 -15.38 -11.36 16.20
N VAL B 184 -14.97 -10.65 17.27
CA VAL B 184 -13.56 -10.59 17.66
C VAL B 184 -13.37 -11.32 18.98
N SER B 185 -14.21 -12.33 19.21
CA SER B 185 -14.09 -13.17 20.39
C SER B 185 -13.09 -14.31 20.20
N GLN B 186 -12.73 -14.64 18.97
CA GLN B 186 -11.81 -15.72 18.69
C GLN B 186 -10.89 -15.32 17.54
N VAL B 187 -9.73 -15.96 17.52
CA VAL B 187 -8.81 -15.75 16.40
C VAL B 187 -9.50 -16.24 15.14
N ARG B 188 -9.49 -15.40 14.11
CA ARG B 188 -10.09 -15.78 12.84
C ARG B 188 -9.62 -14.83 11.76
N GLY B 189 -9.29 -15.41 10.61
CA GLY B 189 -8.98 -14.64 9.44
C GLY B 189 -10.23 -14.07 8.79
N GLY B 190 -10.00 -13.46 7.63
CA GLY B 190 -11.04 -12.76 6.93
C GLY B 190 -10.86 -11.26 7.14
N THR B 191 -10.89 -10.49 6.07
CA THR B 191 -10.76 -9.04 6.07
C THR B 191 -11.74 -8.51 5.05
N PRO B 192 -12.07 -7.21 5.10
CA PRO B 192 -12.89 -6.62 4.04
C PRO B 192 -12.25 -6.73 2.67
N TYR B 193 -10.95 -6.98 2.60
CA TYR B 193 -10.30 -7.09 1.30
C TYR B 193 -10.50 -8.46 0.66
N GLY B 194 -10.77 -9.48 1.47
CA GLY B 194 -10.96 -10.83 1.00
C GLY B 194 -10.78 -11.82 2.14
N ALA B 195 -11.16 -13.06 1.87
CA ALA B 195 -11.08 -14.09 2.89
C ALA B 195 -9.62 -14.40 3.18
N THR B 196 -9.34 -14.78 4.43
CA THR B 196 -8.04 -15.27 4.82
C THR B 196 -8.19 -16.34 5.88
N THR B 197 -7.09 -17.06 6.12
CA THR B 197 -7.03 -18.04 7.20
C THR B 197 -5.68 -17.92 7.91
N ILE B 198 -5.66 -18.41 9.14
CA ILE B 198 -4.52 -18.30 10.02
C ILE B 198 -4.02 -19.72 10.23
N ALA B 199 -2.80 -19.98 9.79
CA ALA B 199 -2.32 -21.34 9.82
C ALA B 199 -1.61 -21.69 11.11
N GLY B 200 -1.27 -20.70 11.90
CA GLY B 200 -0.39 -20.95 13.04
C GLY B 200 1.07 -20.90 12.65
N GLY B 201 1.91 -20.57 13.64
CA GLY B 201 3.35 -20.54 13.40
C GLY B 201 3.91 -21.84 12.87
N ASP B 202 3.41 -22.96 13.37
CA ASP B 202 3.86 -24.28 12.92
C ASP B 202 2.95 -24.91 11.88
N GLY B 203 1.97 -24.17 11.35
CA GLY B 203 1.06 -24.63 10.33
C GLY B 203 0.00 -25.61 10.81
N SER B 204 -0.05 -25.91 12.12
CA SER B 204 -0.93 -26.95 12.65
C SER B 204 -2.38 -26.53 12.76
N ARG B 205 -2.66 -25.23 12.69
CA ARG B 205 -4.02 -24.72 12.71
C ARG B 205 -4.69 -24.95 11.34
N GLN B 206 -6.00 -25.54 11.38
CA GLN B 206 -6.77 -25.71 10.15
C GLN B 206 -7.78 -24.58 10.02
N PRO B 207 -8.17 -24.26 8.78
CA PRO B 207 -9.14 -23.18 8.58
C PRO B 207 -10.44 -23.47 9.32
N SER B 208 -10.91 -22.49 10.08
CA SER B 208 -12.11 -22.64 10.89
C SER B 208 -13.41 -22.50 10.08
N GLN B 209 -14.51 -22.96 10.68
CA GLN B 209 -15.81 -22.85 10.04
C GLN B 209 -16.11 -21.39 9.64
N GLU B 210 -15.76 -20.42 10.50
CA GLU B 210 -16.00 -19.01 10.17
C GLU B 210 -15.12 -18.55 9.02
N GLU B 211 -13.86 -18.97 8.99
CA GLU B 211 -12.97 -18.59 7.90
C GLU B 211 -13.44 -19.21 6.57
N LEU B 212 -13.87 -20.46 6.61
CA LEU B 212 -14.41 -21.09 5.42
C LEU B 212 -15.71 -20.43 4.99
N SER B 213 -16.54 -20.03 5.95
CA SER B 213 -17.81 -19.39 5.61
C SER B 213 -17.57 -18.05 4.93
N ILE B 214 -16.56 -17.31 5.38
CA ILE B 214 -16.22 -16.07 4.70
C ILE B 214 -15.70 -16.35 3.28
N ALA B 215 -14.93 -17.43 3.13
CA ALA B 215 -14.44 -17.81 1.81
C ALA B 215 -15.61 -18.17 0.90
N ARG B 216 -16.54 -18.97 1.43
CA ARG B 216 -17.73 -19.36 0.66
C ARG B 216 -18.51 -18.15 0.19
N TYR B 217 -18.71 -17.17 1.07
CA TYR B 217 -19.37 -15.93 0.65
C TYR B 217 -18.60 -15.25 -0.50
N GLN B 218 -17.27 -15.14 -0.38
CA GLN B 218 -16.48 -14.50 -1.42
C GLN B 218 -16.72 -15.16 -2.77
N GLY B 219 -16.69 -16.49 -2.81
CA GLY B 219 -16.94 -17.19 -4.05
C GLY B 219 -18.32 -16.91 -4.60
N GLU B 220 -19.34 -17.02 -3.74
CA GLU B 220 -20.71 -16.80 -4.18
C GLU B 220 -20.93 -15.38 -4.69
N TYR B 221 -20.36 -14.38 -4.01
CA TYR B 221 -20.54 -12.99 -4.39
C TYR B 221 -19.89 -12.71 -5.75
N VAL B 222 -18.62 -13.07 -5.90
CA VAL B 222 -17.93 -12.86 -7.19
C VAL B 222 -18.65 -13.59 -8.31
N ALA B 223 -19.04 -14.85 -8.06
CA ALA B 223 -19.74 -15.61 -9.10
C ALA B 223 -21.05 -14.92 -9.47
N GLY B 224 -21.77 -14.41 -8.46
CA GLY B 224 -22.97 -13.67 -8.75
C GLY B 224 -22.70 -12.46 -9.60
N LEU B 225 -21.60 -11.76 -9.34
CA LEU B 225 -21.29 -10.60 -10.14
C LEU B 225 -20.97 -10.98 -11.57
N ALA B 226 -20.17 -12.04 -11.75
CA ALA B 226 -19.82 -12.49 -13.09
C ALA B 226 -21.06 -12.81 -13.90
N VAL B 227 -22.03 -13.48 -13.28
CA VAL B 227 -23.27 -13.82 -13.97
C VAL B 227 -24.02 -12.56 -14.36
N LYS B 228 -24.11 -11.59 -13.44
CA LYS B 228 -24.84 -10.37 -13.76
C LYS B 228 -24.26 -9.64 -14.96
N LEU B 229 -22.92 -9.62 -15.06
CA LEU B 229 -22.21 -8.94 -16.15
C LEU B 229 -22.28 -9.68 -17.48
N ASN B 230 -22.83 -10.90 -17.53
CA ASN B 230 -22.91 -11.64 -18.79
C ASN B 230 -24.29 -11.70 -19.43
N THR C 33 37.17 0.16 7.48
CA THR C 33 35.81 0.25 6.90
C THR C 33 34.81 0.21 8.06
N MET C 34 33.81 1.07 7.97
CA MET C 34 32.88 1.32 9.05
C MET C 34 31.55 0.65 8.83
N ALA C 35 31.19 0.40 7.58
CA ALA C 35 29.95 -0.26 7.27
C ALA C 35 30.03 -0.96 5.93
N LYS C 36 29.25 -2.02 5.81
CA LYS C 36 29.18 -2.83 4.61
C LYS C 36 27.80 -2.65 3.98
N ILE C 37 27.79 -2.26 2.70
CA ILE C 37 26.58 -1.99 1.92
C ILE C 37 26.46 -3.03 0.82
N LEU C 38 25.32 -3.68 0.77
CA LEU C 38 24.98 -4.56 -0.33
C LEU C 38 23.97 -3.87 -1.25
N VAL C 39 24.34 -3.75 -2.53
CA VAL C 39 23.41 -3.37 -3.57
C VAL C 39 23.00 -4.65 -4.28
N LEU C 40 21.77 -5.10 -4.03
CA LEU C 40 21.23 -6.36 -4.52
C LEU C 40 20.12 -6.05 -5.51
N TYR C 41 20.24 -6.57 -6.73
CA TYR C 41 19.31 -6.16 -7.78
C TYR C 41 18.99 -7.37 -8.64
N TYR C 42 17.88 -7.26 -9.34
CA TYR C 42 17.56 -8.13 -10.44
C TYR C 42 17.38 -7.25 -11.67
N SER C 43 17.89 -7.69 -12.82
CA SER C 43 17.74 -6.95 -14.07
C SER C 43 17.68 -7.91 -15.25
N MET C 44 16.69 -7.70 -16.11
CA MET C 44 16.54 -8.50 -17.32
C MET C 44 17.15 -7.81 -18.55
N TYR C 45 16.87 -6.52 -18.73
CA TYR C 45 17.34 -5.80 -19.91
C TYR C 45 18.31 -4.68 -19.57
N GLY C 46 18.89 -4.71 -18.36
CA GLY C 46 20.01 -3.85 -18.01
C GLY C 46 19.68 -2.52 -17.36
N HIS C 47 18.39 -2.14 -17.24
CA HIS C 47 18.05 -0.81 -16.70
C HIS C 47 18.34 -0.73 -15.21
N ILE C 48 17.78 -1.67 -14.43
CA ILE C 48 18.13 -1.75 -13.03
C ILE C 48 19.64 -1.93 -12.88
N GLU C 49 20.26 -2.70 -13.78
CA GLU C 49 21.70 -2.91 -13.69
C GLU C 49 22.43 -1.58 -13.74
N THR C 50 22.10 -0.74 -14.70
CA THR C 50 22.75 0.58 -14.77
C THR C 50 22.51 1.39 -13.50
N MET C 51 21.27 1.37 -13.03
CA MET C 51 20.89 2.09 -11.81
C MET C 51 21.67 1.58 -10.60
N ALA C 52 21.89 0.26 -10.55
CA ALA C 52 22.57 -0.33 -9.40
C ALA C 52 24.00 0.16 -9.32
N HIS C 53 24.65 0.35 -10.48
CA HIS C 53 26.01 0.86 -10.41
C HIS C 53 26.03 2.30 -9.91
N ALA C 54 25.04 3.11 -10.29
CA ALA C 54 25.00 4.47 -9.78
C ALA C 54 24.74 4.51 -8.29
N VAL C 55 23.82 3.67 -7.80
CA VAL C 55 23.58 3.55 -6.37
C VAL C 55 24.88 3.23 -5.63
N ALA C 56 25.61 2.26 -6.14
CA ALA C 56 26.85 1.86 -5.48
C ALA C 56 27.85 2.99 -5.51
N GLU C 57 27.92 3.68 -6.65
CA GLU C 57 28.81 4.80 -6.80
C GLU C 57 28.51 5.88 -5.77
N GLY C 58 27.24 6.11 -5.51
CA GLY C 58 26.92 7.06 -4.46
C GLY C 58 27.37 6.58 -3.10
N ALA C 59 27.13 5.29 -2.81
CA ALA C 59 27.50 4.77 -1.52
C ALA C 59 29.00 4.77 -1.34
N LYS C 60 29.78 4.55 -2.42
CA LYS C 60 31.23 4.55 -2.24
C LYS C 60 31.76 5.94 -1.92
N LYS C 61 30.93 7.00 -2.02
CA LYS C 61 31.46 8.31 -1.63
C LYS C 61 31.62 8.45 -0.12
N VAL C 62 31.01 7.56 0.68
CA VAL C 62 31.03 7.68 2.13
C VAL C 62 32.30 7.01 2.63
N ASP C 63 33.17 7.77 3.31
CA ASP C 63 34.37 7.16 3.85
C ASP C 63 34.03 6.04 4.83
N GLY C 64 34.64 4.88 4.60
CA GLY C 64 34.41 3.72 5.43
C GLY C 64 33.32 2.81 4.94
N ALA C 65 32.62 3.17 3.89
CA ALA C 65 31.58 2.34 3.32
C ALA C 65 32.21 1.36 2.33
N GLU C 66 32.06 0.08 2.61
CA GLU C 66 32.47 -0.98 1.71
C GLU C 66 31.21 -1.42 0.99
N VAL C 67 31.23 -1.30 -0.34
CA VAL C 67 30.06 -1.42 -1.20
C VAL C 67 30.30 -2.52 -2.21
N ILE C 68 29.32 -3.41 -2.35
CA ILE C 68 29.34 -4.46 -3.35
C ILE C 68 27.96 -4.59 -4.01
N ILE C 69 27.98 -4.85 -5.31
CA ILE C 69 26.82 -5.08 -6.15
C ILE C 69 26.69 -6.58 -6.40
N LYS C 70 25.51 -7.14 -6.12
CA LYS C 70 25.26 -8.53 -6.42
C LYS C 70 23.84 -8.71 -6.96
N ARG C 71 23.67 -9.77 -7.74
CA ARG C 71 22.38 -10.02 -8.36
C ARG C 71 21.74 -11.30 -7.82
N VAL C 72 20.42 -11.34 -7.84
CA VAL C 72 19.68 -12.53 -7.47
C VAL C 72 19.75 -13.50 -8.64
N PRO C 73 19.69 -14.81 -8.42
CA PRO C 73 19.79 -15.73 -9.55
C PRO C 73 18.57 -15.64 -10.45
N GLU C 74 18.82 -15.78 -11.75
CA GLU C 74 17.76 -15.97 -12.73
C GLU C 74 17.00 -17.24 -12.38
N THR C 75 15.67 -17.21 -12.60
CA THR C 75 14.85 -18.38 -12.35
C THR C 75 14.33 -19.06 -13.61
N MET C 76 14.26 -18.37 -14.71
CA MET C 76 13.72 -19.03 -15.87
C MET C 76 14.79 -19.88 -16.52
N PRO C 77 14.36 -20.94 -17.19
CA PRO C 77 15.31 -21.84 -17.84
C PRO C 77 16.16 -21.08 -18.85
N PRO C 78 17.40 -21.50 -19.05
CA PRO C 78 18.27 -20.75 -19.98
C PRO C 78 17.68 -20.61 -21.39
N GLU C 79 16.97 -21.63 -21.88
CA GLU C 79 16.41 -21.57 -23.23
C GLU C 79 15.36 -20.48 -23.36
N ILE C 80 14.62 -20.23 -22.28
CA ILE C 80 13.62 -19.17 -22.23
C ILE C 80 14.31 -17.83 -21.96
N PHE C 81 15.41 -17.84 -21.21
CA PHE C 81 16.20 -16.61 -21.04
C PHE C 81 16.73 -16.15 -22.39
N ALA C 82 17.20 -17.11 -23.22
CA ALA C 82 17.70 -16.79 -24.55
C ALA C 82 16.60 -16.26 -25.46
N LYS C 83 15.45 -16.95 -25.54
CA LYS C 83 14.39 -16.49 -26.44
C LYS C 83 13.87 -15.10 -26.02
N ALA C 84 13.82 -14.83 -24.72
CA ALA C 84 13.48 -13.49 -24.25
C ALA C 84 14.63 -12.48 -24.38
N GLY C 85 15.82 -12.95 -24.79
CA GLY C 85 16.92 -12.04 -25.07
C GLY C 85 17.52 -11.38 -23.87
N GLY C 86 17.55 -12.07 -22.73
CA GLY C 86 18.00 -11.44 -21.51
C GLY C 86 19.44 -10.97 -21.61
N LYS C 87 19.70 -9.81 -21.00
CA LYS C 87 21.04 -9.25 -21.02
C LYS C 87 21.87 -10.01 -19.97
N THR C 88 22.95 -10.65 -20.42
CA THR C 88 23.91 -11.27 -19.51
C THR C 88 24.58 -10.27 -18.55
N GLN C 89 24.80 -10.72 -17.33
CA GLN C 89 25.24 -9.85 -16.25
C GLN C 89 26.47 -10.43 -15.59
N ASN C 90 27.40 -9.48 -15.36
CA ASN C 90 28.72 -9.74 -14.83
C ASN C 90 28.80 -9.77 -13.31
N ALA C 91 27.87 -9.11 -12.61
CA ALA C 91 27.93 -9.06 -11.15
C ALA C 91 27.82 -10.47 -10.58
N PRO C 92 28.46 -10.75 -9.46
CA PRO C 92 28.33 -12.08 -8.85
C PRO C 92 26.91 -12.32 -8.37
N VAL C 93 26.54 -13.61 -8.32
CA VAL C 93 25.23 -13.98 -7.80
C VAL C 93 25.29 -14.05 -6.28
N ALA C 94 24.28 -13.48 -5.64
CA ALA C 94 24.13 -13.50 -4.20
C ALA C 94 23.45 -14.79 -3.77
N THR C 95 23.71 -15.19 -2.55
CA THR C 95 22.98 -16.22 -1.82
C THR C 95 22.04 -15.57 -0.80
N PRO C 96 20.92 -16.21 -0.46
CA PRO C 96 20.04 -15.63 0.58
C PRO C 96 20.75 -15.47 1.91
N GLN C 97 21.58 -16.43 2.25
CA GLN C 97 22.22 -16.48 3.56
C GLN C 97 23.16 -15.30 3.78
N GLU C 98 23.79 -14.77 2.72
CA GLU C 98 24.83 -13.77 2.98
C GLU C 98 24.24 -12.39 3.26
N LEU C 99 22.94 -12.21 3.11
CA LEU C 99 22.38 -10.89 3.40
C LEU C 99 22.64 -10.45 4.84
N ALA C 100 22.76 -11.41 5.76
CA ALA C 100 23.04 -11.06 7.14
C ALA C 100 24.43 -10.44 7.33
N ASP C 101 25.31 -10.53 6.34
CA ASP C 101 26.65 -9.97 6.53
C ASP C 101 26.73 -8.47 6.31
N TYR C 102 25.65 -7.80 5.90
CA TYR C 102 25.74 -6.39 5.54
C TYR C 102 24.99 -5.54 6.56
N ASP C 103 25.39 -4.29 6.63
CA ASP C 103 24.73 -3.33 7.51
C ASP C 103 23.54 -2.66 6.84
N ALA C 104 23.55 -2.59 5.50
CA ALA C 104 22.49 -1.97 4.72
C ALA C 104 22.37 -2.70 3.40
N ILE C 105 21.13 -2.93 2.98
CA ILE C 105 20.82 -3.56 1.70
C ILE C 105 19.90 -2.63 0.92
N ILE C 106 20.32 -2.31 -0.28
CA ILE C 106 19.57 -1.52 -1.23
C ILE C 106 19.14 -2.45 -2.36
N PHE C 107 17.82 -2.71 -2.41
CA PHE C 107 17.22 -3.67 -3.31
C PHE C 107 16.79 -2.98 -4.58
N GLY C 108 17.26 -3.45 -5.72
CA GLY C 108 16.76 -2.96 -7.00
C GLY C 108 16.05 -4.04 -7.83
N THR C 109 14.88 -3.73 -8.37
CA THR C 109 14.13 -4.68 -9.20
C THR C 109 13.26 -3.97 -10.23
N PRO C 110 13.13 -4.54 -11.43
CA PRO C 110 12.11 -4.04 -12.35
C PRO C 110 10.73 -4.38 -11.83
N THR C 111 9.75 -3.64 -12.28
CA THR C 111 8.39 -3.94 -11.86
C THR C 111 7.78 -5.03 -12.73
N ARG C 112 6.92 -5.84 -12.10
CA ARG C 112 6.04 -6.77 -12.80
C ARG C 112 4.63 -6.49 -12.33
N PHE C 113 3.88 -5.76 -13.16
CA PHE C 113 2.51 -5.39 -12.83
C PHE C 113 2.40 -4.79 -11.42
N GLY C 114 3.35 -3.91 -11.11
CA GLY C 114 3.31 -3.17 -9.85
C GLY C 114 3.85 -3.92 -8.65
N ASN C 115 4.40 -5.12 -8.84
CA ASN C 115 5.17 -5.75 -7.79
C ASN C 115 6.64 -5.85 -8.19
N MET C 116 7.43 -6.33 -7.24
CA MET C 116 8.79 -6.76 -7.51
C MET C 116 8.77 -7.93 -8.48
N SER C 117 9.92 -8.18 -9.11
CA SER C 117 10.02 -9.28 -10.07
C SER C 117 9.90 -10.62 -9.35
N GLY C 118 9.41 -11.62 -10.08
CA GLY C 118 9.39 -12.96 -9.53
C GLY C 118 10.75 -13.42 -9.05
N GLN C 119 11.80 -13.09 -9.79
CA GLN C 119 13.14 -13.53 -9.42
C GLN C 119 13.52 -12.97 -8.05
N MET C 120 13.22 -11.70 -7.83
CA MET C 120 13.52 -11.07 -6.55
C MET C 120 12.63 -11.66 -5.46
N ARG C 121 11.37 -11.85 -5.78
CA ARG C 121 10.42 -12.45 -4.84
C ARG C 121 10.87 -13.87 -4.46
N THR C 122 11.25 -14.67 -5.45
CA THR C 122 11.70 -16.04 -5.17
C THR C 122 12.92 -16.03 -4.28
N PHE C 123 13.90 -15.16 -4.59
CA PHE C 123 15.10 -15.03 -3.76
C PHE C 123 14.75 -14.67 -2.32
N LEU C 124 13.93 -13.65 -2.15
CA LEU C 124 13.57 -13.22 -0.79
C LEU C 124 12.73 -14.25 -0.08
N ASP C 125 11.97 -15.07 -0.82
CA ASP C 125 11.24 -16.17 -0.21
C ASP C 125 12.15 -17.19 0.48
N GLN C 126 13.46 -17.17 0.23
CA GLN C 126 14.41 -18.09 0.84
C GLN C 126 15.17 -17.48 1.99
N THR C 127 14.74 -16.31 2.47
CA THR C 127 15.31 -15.70 3.65
C THR C 127 14.54 -16.06 4.93
N GLY C 128 13.73 -17.13 4.88
CA GLY C 128 12.98 -17.55 6.05
C GLY C 128 13.88 -17.93 7.21
N GLY C 129 15.04 -18.52 6.89
CA GLY C 129 16.01 -18.83 7.93
C GLY C 129 16.53 -17.57 8.57
N LEU C 130 16.91 -16.60 7.74
CA LEU C 130 17.33 -15.32 8.27
C LEU C 130 16.23 -14.73 9.14
N TRP C 131 14.98 -14.90 8.73
CA TRP C 131 13.88 -14.32 9.50
C TRP C 131 13.78 -14.96 10.88
N ALA C 132 13.81 -16.30 10.93
CA ALA C 132 13.60 -17.01 12.21
C ALA C 132 14.69 -16.69 13.23
N SER C 133 15.90 -16.36 12.78
CA SER C 133 16.99 -16.00 13.68
C SER C 133 17.17 -14.50 13.80
N GLY C 134 16.24 -13.71 13.26
CA GLY C 134 16.35 -12.26 13.33
C GLY C 134 17.62 -11.69 12.73
N SER C 135 18.19 -12.37 11.74
CA SER C 135 19.48 -11.98 11.25
C SER C 135 19.45 -10.65 10.51
N LEU C 136 18.34 -10.25 9.93
CA LEU C 136 18.31 -8.95 9.27
C LEU C 136 17.69 -7.87 10.13
N TYR C 137 17.35 -8.19 11.36
CA TYR C 137 16.61 -7.23 12.17
C TYR C 137 17.44 -5.98 12.44
N GLY C 138 16.80 -4.85 12.28
CA GLY C 138 17.39 -3.58 12.58
C GLY C 138 18.32 -3.06 11.51
N LYS C 139 18.63 -3.84 10.49
CA LYS C 139 19.53 -3.35 9.44
C LYS C 139 18.78 -2.38 8.53
N LEU C 140 19.54 -1.58 7.79
CA LEU C 140 18.90 -0.59 6.92
C LEU C 140 18.50 -1.21 5.57
N GLY C 141 17.27 -0.93 5.15
CA GLY C 141 16.77 -1.34 3.84
C GLY C 141 16.25 -0.17 3.02
N SER C 142 16.43 -0.26 1.70
CA SER C 142 16.07 0.82 0.79
C SER C 142 15.86 0.20 -0.58
N VAL C 143 15.00 0.81 -1.40
CA VAL C 143 14.53 0.17 -2.63
C VAL C 143 14.56 1.14 -3.81
N PHE C 144 14.91 0.60 -4.98
CA PHE C 144 14.85 1.34 -6.24
C PHE C 144 14.29 0.41 -7.31
N SER C 145 13.60 1.01 -8.27
CA SER C 145 12.88 0.21 -9.24
C SER C 145 12.94 0.82 -10.65
N SER C 146 12.28 0.10 -11.55
CA SER C 146 12.30 0.37 -12.98
C SER C 146 10.97 -0.05 -13.52
N THR C 147 10.50 0.67 -14.54
CA THR C 147 9.30 0.29 -15.25
C THR C 147 9.50 0.63 -16.72
N GLY C 148 8.58 0.15 -17.55
CA GLY C 148 8.55 0.59 -18.93
C GLY C 148 7.97 1.97 -19.17
N THR C 149 6.86 2.30 -18.49
CA THR C 149 6.13 3.54 -18.76
C THR C 149 5.70 4.26 -17.48
N GLY C 150 6.33 3.97 -16.36
CA GLY C 150 6.13 4.72 -15.13
C GLY C 150 5.17 4.09 -14.16
N GLY C 151 4.02 3.69 -14.67
CA GLY C 151 2.94 3.13 -13.88
C GLY C 151 3.40 1.90 -13.14
N GLY C 152 3.24 1.94 -11.80
CA GLY C 152 3.66 0.90 -10.89
C GLY C 152 4.98 1.15 -10.16
N GLN C 153 5.71 2.18 -10.53
CA GLN C 153 7.02 2.38 -9.92
C GLN C 153 6.91 2.64 -8.42
N GLU C 154 5.83 3.29 -7.98
CA GLU C 154 5.68 3.54 -6.56
C GLU C 154 5.21 2.30 -5.84
N GLN C 155 4.16 1.65 -6.37
CA GLN C 155 3.64 0.43 -5.74
C GLN C 155 4.72 -0.65 -5.63
N THR C 156 5.64 -0.72 -6.61
CA THR C 156 6.74 -1.69 -6.53
C THR C 156 7.63 -1.43 -5.31
N ILE C 157 7.97 -0.16 -5.07
CA ILE C 157 8.81 0.15 -3.91
C ILE C 157 8.09 -0.12 -2.61
N THR C 158 6.91 0.46 -2.44
CA THR C 158 6.20 0.34 -1.16
C THR C 158 5.84 -1.10 -0.81
N SER C 159 5.38 -1.89 -1.78
CA SER C 159 5.12 -3.29 -1.51
C SER C 159 6.42 -4.07 -1.25
N THR C 160 7.57 -3.59 -1.72
CA THR C 160 8.83 -4.22 -1.32
C THR C 160 9.14 -3.88 0.14
N TRP C 161 8.81 -2.64 0.57
CA TRP C 161 8.98 -2.25 1.96
C TRP C 161 8.33 -3.21 2.94
N THR C 162 7.15 -3.71 2.59
CA THR C 162 6.47 -4.65 3.45
C THR C 162 7.38 -5.81 3.85
N THR C 163 8.09 -6.38 2.87
CA THR C 163 8.98 -7.49 3.15
C THR C 163 10.11 -7.07 4.08
N LEU C 164 10.68 -5.90 3.83
CA LEU C 164 11.69 -5.39 4.74
C LEU C 164 11.14 -5.27 6.16
N ALA C 165 9.91 -4.78 6.29
CA ALA C 165 9.26 -4.66 7.60
C ALA C 165 9.11 -6.01 8.31
N HIS C 166 8.71 -7.06 7.59
CA HIS C 166 8.59 -8.34 8.30
C HIS C 166 9.94 -8.78 8.85
N HIS C 167 11.03 -8.44 8.15
CA HIS C 167 12.37 -8.75 8.62
C HIS C 167 12.86 -7.77 9.68
N GLY C 168 12.04 -6.78 10.03
CA GLY C 168 12.42 -5.80 11.04
C GLY C 168 13.46 -4.82 10.59
N MET C 169 13.66 -4.69 9.29
CA MET C 169 14.61 -3.74 8.77
C MET C 169 14.09 -2.31 8.91
N VAL C 170 15.03 -1.39 9.08
CA VAL C 170 14.75 0.03 9.06
C VAL C 170 14.63 0.45 7.61
N ILE C 171 13.51 1.08 7.26
CA ILE C 171 13.16 1.43 5.88
C ILE C 171 13.56 2.86 5.60
N VAL C 172 14.36 3.04 4.56
CA VAL C 172 14.90 4.35 4.23
C VAL C 172 14.31 4.87 2.93
N PRO C 173 13.34 5.78 2.98
CA PRO C 173 12.94 6.55 1.78
C PRO C 173 13.94 7.67 1.57
N ILE C 174 13.81 8.32 0.42
CA ILE C 174 14.72 9.38 0.08
C ILE C 174 14.08 10.74 0.13
N GLY C 175 12.75 10.82 0.24
CA GLY C 175 12.13 12.12 0.38
C GLY C 175 12.49 13.01 -0.80
N TYR C 176 12.62 14.32 -0.54
CA TYR C 176 12.82 15.30 -1.62
C TYR C 176 14.14 16.03 -1.51
N ALA C 177 15.14 15.38 -0.91
CA ALA C 177 16.48 15.96 -0.83
C ALA C 177 17.13 16.11 -2.21
N ALA C 178 16.84 15.21 -3.15
CA ALA C 178 17.41 15.28 -4.50
C ALA C 178 16.61 16.28 -5.30
N GLN C 179 17.24 17.41 -5.65
CA GLN C 179 16.56 18.51 -6.34
C GLN C 179 15.93 18.10 -7.68
N GLU C 180 16.45 17.06 -8.33
CA GLU C 180 15.86 16.63 -9.57
C GLU C 180 14.39 16.23 -9.43
N LEU C 181 13.95 15.88 -8.22
CA LEU C 181 12.55 15.48 -8.05
C LEU C 181 11.56 16.65 -8.19
N PHE C 182 12.02 17.90 -8.11
CA PHE C 182 11.14 19.06 -8.29
C PHE C 182 10.97 19.45 -9.77
N ASP C 183 11.79 18.89 -10.66
CA ASP C 183 11.79 19.30 -12.06
C ASP C 183 10.86 18.39 -12.85
N VAL C 184 9.76 18.95 -13.35
CA VAL C 184 8.80 18.18 -14.15
C VAL C 184 8.76 18.68 -15.59
N SER C 185 9.86 19.25 -16.08
CA SER C 185 9.90 19.67 -17.46
C SER C 185 10.18 18.52 -18.44
N GLN C 186 10.70 17.40 -17.98
CA GLN C 186 11.00 16.29 -18.88
C GLN C 186 10.63 14.98 -18.20
N VAL C 187 10.45 13.95 -19.01
CA VAL C 187 10.15 12.62 -18.44
C VAL C 187 11.31 12.19 -17.56
N ARG C 188 11.01 11.75 -16.34
CA ARG C 188 12.06 11.45 -15.36
C ARG C 188 11.49 10.57 -14.25
N GLY C 189 12.20 9.49 -13.96
CA GLY C 189 11.88 8.65 -12.83
C GLY C 189 12.42 9.25 -11.56
N GLY C 190 12.22 8.51 -10.48
CA GLY C 190 12.59 9.01 -9.17
C GLY C 190 11.37 9.42 -8.39
N THR C 191 11.30 8.99 -7.15
CA THR C 191 10.19 9.26 -6.24
C THR C 191 10.75 9.44 -4.84
N PRO C 192 9.97 10.04 -3.94
CA PRO C 192 10.44 10.15 -2.55
C PRO C 192 10.61 8.80 -1.90
N TYR C 193 10.04 7.74 -2.48
CA TYR C 193 10.15 6.42 -1.91
C TYR C 193 11.48 5.75 -2.27
N GLY C 194 12.07 6.14 -3.40
CA GLY C 194 13.32 5.61 -3.88
C GLY C 194 13.55 5.99 -5.34
N ALA C 195 14.79 5.78 -5.78
CA ALA C 195 15.09 6.11 -7.17
C ALA C 195 14.34 5.17 -8.12
N THR C 196 13.98 5.68 -9.29
CA THR C 196 13.44 4.81 -10.33
C THR C 196 13.92 5.25 -11.69
N THR C 197 13.72 4.40 -12.69
CA THR C 197 14.02 4.76 -14.08
C THR C 197 12.87 4.32 -14.98
N ILE C 198 12.75 5.00 -16.11
CA ILE C 198 11.74 4.69 -17.10
C ILE C 198 12.48 4.19 -18.34
N ALA C 199 12.28 2.90 -18.66
CA ALA C 199 13.00 2.24 -19.74
C ALA C 199 12.32 2.36 -21.09
N GLY C 200 11.06 2.76 -21.11
CA GLY C 200 10.28 2.67 -22.33
C GLY C 200 9.66 1.30 -22.49
N GLY C 201 8.54 1.27 -23.23
CA GLY C 201 7.89 0.01 -23.52
C GLY C 201 8.82 -0.98 -24.22
N ASP C 202 9.67 -0.49 -25.10
CA ASP C 202 10.58 -1.37 -25.82
C ASP C 202 11.98 -1.38 -25.20
N GLY C 203 12.14 -0.74 -24.04
CA GLY C 203 13.42 -0.66 -23.37
C GLY C 203 14.41 0.32 -23.96
N SER C 204 13.99 1.16 -24.92
CA SER C 204 14.94 2.01 -25.62
C SER C 204 15.44 3.20 -24.79
N ARG C 205 14.82 3.53 -23.67
CA ARG C 205 15.33 4.62 -22.84
C ARG C 205 16.46 4.11 -21.98
N GLN C 206 17.48 4.82 -21.93
CA GLN C 206 18.51 4.54 -20.95
C GLN C 206 18.32 5.46 -19.74
N PRO C 207 18.75 5.05 -18.55
CA PRO C 207 18.61 5.94 -17.38
C PRO C 207 19.28 7.28 -17.63
N SER C 208 18.54 8.34 -17.37
CA SER C 208 19.01 9.70 -17.61
C SER C 208 19.94 10.15 -16.51
N GLN C 209 20.68 11.21 -16.82
CA GLN C 209 21.57 11.83 -15.84
C GLN C 209 20.81 12.15 -14.55
N GLU C 210 19.58 12.66 -14.67
CA GLU C 210 18.82 13.02 -13.48
C GLU C 210 18.43 11.80 -12.65
N GLU C 211 18.00 10.72 -13.31
CA GLU C 211 17.62 9.52 -12.59
C GLU C 211 18.82 8.86 -11.89
N LEU C 212 19.98 8.85 -12.57
CA LEU C 212 21.20 8.28 -11.97
C LEU C 212 21.66 9.14 -10.79
N SER C 213 21.49 10.46 -10.92
CA SER C 213 21.86 11.36 -9.84
C SER C 213 21.01 11.12 -8.61
N ILE C 214 19.73 10.82 -8.80
CA ILE C 214 18.87 10.45 -7.67
C ILE C 214 19.32 9.13 -7.06
N ALA C 215 19.70 8.19 -7.93
CA ALA C 215 20.22 6.91 -7.49
C ALA C 215 21.53 7.07 -6.73
N ARG C 216 22.42 7.91 -7.25
CA ARG C 216 23.65 8.23 -6.53
C ARG C 216 23.34 8.80 -5.16
N TYR C 217 22.38 9.72 -5.08
CA TYR C 217 22.01 10.23 -3.77
C TYR C 217 21.52 9.11 -2.85
N GLN C 218 20.66 8.22 -3.37
CA GLN C 218 20.12 7.16 -2.53
C GLN C 218 21.24 6.35 -1.90
N GLY C 219 22.21 5.93 -2.73
CA GLY C 219 23.34 5.19 -2.21
C GLY C 219 24.13 5.96 -1.18
N GLU C 220 24.40 7.24 -1.45
CA GLU C 220 25.19 8.03 -0.52
C GLU C 220 24.44 8.23 0.80
N TYR C 221 23.14 8.48 0.73
CA TYR C 221 22.34 8.69 1.92
C TYR C 221 22.31 7.43 2.78
N VAL C 222 21.97 6.29 2.15
CA VAL C 222 21.91 5.05 2.91
C VAL C 222 23.25 4.75 3.56
N ALA C 223 24.32 4.86 2.77
CA ALA C 223 25.64 4.50 3.26
C ALA C 223 26.03 5.35 4.47
N GLY C 224 25.72 6.66 4.42
CA GLY C 224 26.01 7.54 5.54
C GLY C 224 25.24 7.13 6.79
N LEU C 225 23.96 6.79 6.63
CA LEU C 225 23.20 6.30 7.75
C LEU C 225 23.80 5.01 8.29
N ALA C 226 24.22 4.10 7.40
CA ALA C 226 24.86 2.85 7.86
C ALA C 226 26.12 3.13 8.64
N VAL C 227 26.94 4.07 8.16
CA VAL C 227 28.13 4.41 8.91
C VAL C 227 27.78 4.99 10.27
N LYS C 228 26.78 5.91 10.32
CA LYS C 228 26.44 6.54 11.60
C LYS C 228 25.96 5.51 12.60
N LEU C 229 25.21 4.50 12.13
CA LEU C 229 24.66 3.51 13.04
C LEU C 229 25.69 2.50 13.51
N ASN C 230 26.92 2.55 13.04
CA ASN C 230 27.95 1.58 13.47
C ASN C 230 28.95 2.11 14.50
N GLN D 27 24.69 28.24 26.22
CA GLN D 27 23.57 27.73 27.06
C GLN D 27 24.05 26.65 28.04
N GLY D 28 24.17 25.42 27.52
CA GLY D 28 24.44 24.27 28.35
C GLY D 28 23.23 23.78 29.11
N ILE D 29 22.05 23.99 28.55
CA ILE D 29 20.81 23.99 29.32
C ILE D 29 20.47 22.60 29.84
N ASP D 30 20.53 21.60 28.95
CA ASP D 30 20.06 20.25 29.23
C ASP D 30 21.08 19.25 28.69
N PRO D 31 22.24 19.12 29.36
CA PRO D 31 23.30 18.25 28.80
C PRO D 31 22.96 16.76 28.82
N PHE D 32 21.99 16.31 29.62
CA PHE D 32 21.72 14.87 29.73
C PHE D 32 20.74 14.35 28.67
N THR D 33 19.89 15.20 28.09
CA THR D 33 19.03 14.73 27.02
C THR D 33 19.86 14.40 25.78
N MET D 34 19.65 13.20 25.23
CA MET D 34 20.37 12.67 24.08
C MET D 34 19.51 12.63 22.84
N ALA D 35 18.22 12.44 23.02
CA ALA D 35 17.27 12.44 21.92
C ALA D 35 15.92 12.88 22.46
N LYS D 36 15.13 13.51 21.61
CA LYS D 36 13.79 13.94 21.97
C LYS D 36 12.79 13.13 21.16
N ILE D 37 11.85 12.48 21.85
CA ILE D 37 10.84 11.62 21.23
C ILE D 37 9.48 12.27 21.44
N LEU D 38 8.76 12.50 20.34
CA LEU D 38 7.37 12.94 20.40
C LEU D 38 6.46 11.76 20.07
N VAL D 39 5.56 11.45 20.99
CA VAL D 39 4.47 10.53 20.74
C VAL D 39 3.24 11.40 20.44
N LEU D 40 2.83 11.45 19.18
CA LEU D 40 1.75 12.28 18.66
C LEU D 40 0.62 11.39 18.23
N TYR D 41 -0.57 11.63 18.74
CA TYR D 41 -1.67 10.72 18.49
C TYR D 41 -2.96 11.50 18.30
N TYR D 42 -3.92 10.81 17.71
CA TYR D 42 -5.31 11.20 17.76
C TYR D 42 -6.05 10.04 18.39
N SER D 43 -6.99 10.35 19.28
CA SER D 43 -7.81 9.34 19.91
C SER D 43 -9.15 9.94 20.20
N MET D 44 -10.22 9.21 19.87
CA MET D 44 -11.56 9.70 20.20
C MET D 44 -12.14 9.05 21.46
N TYR D 45 -12.01 7.73 21.60
CA TYR D 45 -12.57 7.04 22.75
C TYR D 45 -11.47 6.50 23.68
N GLY D 46 -10.22 6.88 23.46
CA GLY D 46 -9.18 6.66 24.42
C GLY D 46 -8.32 5.44 24.17
N HIS D 47 -8.64 4.62 23.17
CA HIS D 47 -7.84 3.40 22.97
C HIS D 47 -6.44 3.76 22.50
N ILE D 48 -6.33 4.59 21.48
CA ILE D 48 -5.02 5.09 21.08
C ILE D 48 -4.36 5.86 22.21
N GLU D 49 -5.15 6.62 22.95
CA GLU D 49 -4.60 7.35 24.09
C GLU D 49 -3.89 6.36 25.03
N THR D 50 -4.57 5.24 25.35
CA THR D 50 -3.96 4.24 26.23
C THR D 50 -2.69 3.67 25.61
N MET D 51 -2.75 3.35 24.32
CA MET D 51 -1.57 2.85 23.62
C MET D 51 -0.45 3.89 23.63
N ALA D 52 -0.78 5.18 23.44
CA ALA D 52 0.25 6.21 23.37
C ALA D 52 1.03 6.28 24.67
N HIS D 53 0.35 6.07 25.80
CA HIS D 53 1.04 6.09 27.09
C HIS D 53 1.99 4.90 27.23
N ALA D 54 1.61 3.72 26.70
CA ALA D 54 2.51 2.58 26.73
C ALA D 54 3.72 2.81 25.83
N VAL D 55 3.50 3.39 24.65
CA VAL D 55 4.62 3.72 23.78
C VAL D 55 5.60 4.63 24.50
N ALA D 56 5.07 5.68 25.14
CA ALA D 56 5.90 6.65 25.85
C ALA D 56 6.65 5.99 26.99
N GLU D 57 5.99 5.07 27.71
CA GLU D 57 6.67 4.38 28.80
C GLU D 57 7.86 3.61 28.26
N GLY D 58 7.68 2.92 27.13
CA GLY D 58 8.80 2.21 26.53
C GLY D 58 9.92 3.13 26.10
N ALA D 59 9.58 4.27 25.48
CA ALA D 59 10.61 5.21 25.06
C ALA D 59 11.38 5.77 26.25
N LYS D 60 10.73 6.01 27.38
CA LYS D 60 11.39 6.52 28.59
C LYS D 60 12.35 5.51 29.21
N LYS D 61 12.33 4.25 28.78
CA LYS D 61 13.29 3.28 29.30
C LYS D 61 14.72 3.50 28.74
N VAL D 62 14.86 4.30 27.68
CA VAL D 62 16.15 4.60 27.06
C VAL D 62 16.74 5.78 27.81
N ASP D 63 17.91 5.55 28.43
CA ASP D 63 18.60 6.61 29.14
C ASP D 63 18.84 7.78 28.20
N GLY D 64 18.46 8.99 28.60
CA GLY D 64 18.71 10.15 27.77
C GLY D 64 17.62 10.51 26.79
N ALA D 65 16.56 9.72 26.71
CA ALA D 65 15.43 9.98 25.82
C ALA D 65 14.43 10.84 26.55
N GLU D 66 14.13 12.01 26.00
CA GLU D 66 13.11 12.90 26.55
C GLU D 66 11.83 12.69 25.75
N VAL D 67 10.77 12.27 26.42
CA VAL D 67 9.56 11.81 25.75
C VAL D 67 8.38 12.68 26.16
N ILE D 68 7.61 13.15 25.18
CA ILE D 68 6.42 13.92 25.46
C ILE D 68 5.29 13.39 24.59
N ILE D 69 4.09 13.35 25.19
CA ILE D 69 2.86 12.91 24.54
C ILE D 69 2.03 14.14 24.17
N LYS D 70 1.65 14.22 22.90
CA LYS D 70 0.77 15.27 22.45
C LYS D 70 -0.24 14.73 21.46
N ARG D 71 -1.42 15.35 21.47
CA ARG D 71 -2.50 15.00 20.57
C ARG D 71 -2.69 16.11 19.56
N VAL D 72 -3.23 15.71 18.42
CA VAL D 72 -3.62 16.63 17.35
C VAL D 72 -4.97 17.22 17.69
N PRO D 73 -5.29 18.39 17.15
CA PRO D 73 -6.57 19.03 17.47
C PRO D 73 -7.75 18.25 16.95
N GLU D 74 -8.79 18.24 17.77
CA GLU D 74 -10.09 17.74 17.35
C GLU D 74 -10.63 18.61 16.22
N THR D 75 -11.26 17.96 15.22
CA THR D 75 -11.90 18.68 14.14
C THR D 75 -13.42 18.67 14.22
N MET D 76 -14.03 17.74 14.95
CA MET D 76 -15.47 17.86 14.92
C MET D 76 -15.92 18.93 15.91
N PRO D 77 -17.07 19.56 15.65
CA PRO D 77 -17.54 20.61 16.55
C PRO D 77 -17.65 20.11 17.97
N PRO D 78 -17.33 20.96 18.96
CA PRO D 78 -17.34 20.47 20.34
C PRO D 78 -18.66 19.86 20.77
N GLU D 79 -19.80 20.43 20.35
CA GLU D 79 -21.10 19.85 20.73
C GLU D 79 -21.27 18.46 20.11
N ILE D 80 -20.71 18.24 18.93
CA ILE D 80 -20.85 16.93 18.31
C ILE D 80 -19.88 15.90 18.94
N PHE D 81 -18.69 16.33 19.39
CA PHE D 81 -17.82 15.48 20.18
C PHE D 81 -18.48 15.11 21.52
N ALA D 82 -19.15 16.06 22.16
CA ALA D 82 -19.82 15.74 23.41
C ALA D 82 -20.96 14.74 23.21
N LYS D 83 -21.85 15.01 22.25
CA LYS D 83 -22.98 14.09 22.04
C LYS D 83 -22.48 12.70 21.68
N ALA D 84 -21.34 12.60 20.98
CA ALA D 84 -20.81 11.28 20.68
C ALA D 84 -20.10 10.60 21.87
N GLY D 85 -19.95 11.27 23.00
CA GLY D 85 -19.21 10.66 24.08
C GLY D 85 -17.70 10.58 23.87
N GLY D 86 -17.11 11.55 23.15
CA GLY D 86 -15.67 11.56 23.00
C GLY D 86 -14.98 11.72 24.34
N LYS D 87 -13.80 11.09 24.47
CA LYS D 87 -13.10 11.17 25.74
C LYS D 87 -12.27 12.44 25.83
N THR D 88 -12.49 13.21 26.89
CA THR D 88 -11.66 14.37 27.17
C THR D 88 -10.27 13.85 27.50
N GLN D 89 -9.24 14.61 27.07
CA GLN D 89 -7.86 14.16 27.17
C GLN D 89 -6.95 15.24 27.74
N ASN D 90 -6.02 14.79 28.57
CA ASN D 90 -5.13 15.71 29.26
C ASN D 90 -3.98 16.19 28.39
N ALA D 91 -3.56 15.40 27.42
CA ALA D 91 -2.35 15.76 26.71
C ALA D 91 -2.54 17.11 26.03
N PRO D 92 -1.48 17.90 25.93
CA PRO D 92 -1.57 19.16 25.19
C PRO D 92 -1.78 18.94 23.70
N VAL D 93 -2.41 19.93 23.08
CA VAL D 93 -2.64 19.93 21.66
C VAL D 93 -1.35 20.36 20.98
N ALA D 94 -0.93 19.59 19.97
CA ALA D 94 0.31 19.86 19.29
C ALA D 94 0.09 20.88 18.20
N THR D 95 1.18 21.67 17.92
CA THR D 95 1.17 22.46 16.72
C THR D 95 1.95 21.74 15.63
N PRO D 96 1.62 21.97 14.36
CA PRO D 96 2.41 21.37 13.28
C PRO D 96 3.89 21.78 13.34
N GLN D 97 4.15 23.04 13.69
CA GLN D 97 5.52 23.55 13.59
C GLN D 97 6.46 22.83 14.53
N GLU D 98 5.97 22.46 15.72
CA GLU D 98 6.91 21.93 16.70
C GLU D 98 7.38 20.50 16.38
N LEU D 99 6.77 19.84 15.40
CA LEU D 99 7.25 18.52 15.01
C LEU D 99 8.72 18.58 14.65
N ALA D 100 9.20 19.75 14.20
CA ALA D 100 10.60 19.90 13.82
C ALA D 100 11.56 19.83 15.00
N ASP D 101 11.07 19.99 16.21
CA ASP D 101 11.95 19.98 17.37
C ASP D 101 12.37 18.58 17.80
N TYR D 102 11.84 17.51 17.20
CA TYR D 102 12.03 16.18 17.74
C TYR D 102 12.92 15.32 16.84
N ASP D 103 13.56 14.34 17.48
CA ASP D 103 14.43 13.43 16.76
C ASP D 103 13.69 12.26 16.21
N ALA D 104 12.57 11.89 16.84
CA ALA D 104 11.72 10.80 16.40
C ALA D 104 10.28 11.14 16.69
N ILE D 105 9.39 10.83 15.75
CA ILE D 105 7.96 11.03 15.97
C ILE D 105 7.26 9.69 15.79
N ILE D 106 6.50 9.30 16.82
CA ILE D 106 5.75 8.06 16.81
C ILE D 106 4.28 8.43 16.74
N PHE D 107 3.67 8.15 15.60
CA PHE D 107 2.32 8.60 15.29
C PHE D 107 1.31 7.51 15.64
N GLY D 108 0.29 7.86 16.44
CA GLY D 108 -0.79 6.94 16.74
C GLY D 108 -2.12 7.42 16.18
N THR D 109 -2.85 6.52 15.50
CA THR D 109 -4.17 6.92 15.01
C THR D 109 -5.15 5.77 14.98
N PRO D 110 -6.42 6.01 15.30
CA PRO D 110 -7.45 5.01 14.98
C PRO D 110 -7.61 4.93 13.48
N THR D 111 -8.11 3.80 13.01
CA THR D 111 -8.40 3.69 11.59
C THR D 111 -9.77 4.26 11.26
N ARG D 112 -9.86 4.81 10.06
CA ARG D 112 -11.10 5.19 9.40
C ARG D 112 -11.09 4.50 8.03
N PHE D 113 -11.80 3.37 7.94
CA PHE D 113 -11.88 2.60 6.69
C PHE D 113 -10.49 2.41 6.05
N GLY D 114 -9.53 1.99 6.87
CA GLY D 114 -8.19 1.61 6.44
C GLY D 114 -7.16 2.70 6.22
N ASN D 115 -7.49 3.95 6.54
CA ASN D 115 -6.57 5.07 6.57
C ASN D 115 -6.41 5.59 8.01
N MET D 116 -5.48 6.52 8.17
CA MET D 116 -5.45 7.36 9.35
C MET D 116 -6.73 8.19 9.45
N SER D 117 -6.98 8.67 10.66
CA SER D 117 -8.14 9.50 10.91
C SER D 117 -8.05 10.83 10.19
N GLY D 118 -9.22 11.37 9.88
CA GLY D 118 -9.28 12.73 9.35
C GLY D 118 -8.58 13.75 10.22
N GLN D 119 -8.70 13.63 11.55
CA GLN D 119 -8.00 14.58 12.42
C GLN D 119 -6.49 14.52 12.21
N MET D 120 -5.93 13.31 12.07
CA MET D 120 -4.49 13.18 11.84
C MET D 120 -4.13 13.69 10.47
N ARG D 121 -4.93 13.34 9.48
CA ARG D 121 -4.70 13.78 8.12
C ARG D 121 -4.72 15.29 8.01
N THR D 122 -5.72 15.93 8.62
CA THR D 122 -5.82 17.40 8.58
C THR D 122 -4.57 18.03 9.21
N PHE D 123 -4.15 17.51 10.37
CA PHE D 123 -2.96 18.03 11.03
C PHE D 123 -1.73 17.85 10.14
N LEU D 124 -1.54 16.64 9.60
CA LEU D 124 -0.35 16.44 8.78
C LEU D 124 -0.41 17.28 7.52
N ASP D 125 -1.63 17.57 7.02
CA ASP D 125 -1.79 18.46 5.87
C ASP D 125 -1.23 19.84 6.15
N GLN D 126 -0.97 20.17 7.39
CA GLN D 126 -0.41 21.45 7.73
C GLN D 126 1.09 21.39 7.93
N THR D 127 1.74 20.31 7.55
CA THR D 127 3.20 20.26 7.67
C THR D 127 3.92 20.67 6.39
N GLY D 128 3.23 21.34 5.48
CA GLY D 128 3.83 21.73 4.21
C GLY D 128 4.98 22.70 4.38
N GLY D 129 4.87 23.58 5.37
CA GLY D 129 5.99 24.45 5.67
C GLY D 129 7.23 23.68 6.06
N LEU D 130 7.07 22.72 6.99
CA LEU D 130 8.15 21.80 7.35
C LEU D 130 8.67 21.08 6.12
N TRP D 131 7.77 20.68 5.23
CA TRP D 131 8.18 19.92 4.07
C TRP D 131 9.02 20.78 3.15
N ALA D 132 8.58 22.01 2.91
CA ALA D 132 9.30 22.88 2.01
C ALA D 132 10.68 23.24 2.54
N SER D 133 10.88 23.22 3.85
CA SER D 133 12.20 23.53 4.40
C SER D 133 12.95 22.29 4.83
N GLY D 134 12.46 21.11 4.49
CA GLY D 134 13.12 19.89 4.90
C GLY D 134 13.28 19.70 6.39
N SER D 135 12.39 20.26 7.19
CA SER D 135 12.54 20.22 8.64
C SER D 135 12.35 18.83 9.25
N LEU D 136 11.64 17.92 8.62
CA LEU D 136 11.52 16.58 9.17
C LEU D 136 12.46 15.57 8.50
N TYR D 137 13.31 16.04 7.58
CA TYR D 137 14.09 15.11 6.78
C TYR D 137 15.05 14.34 7.67
N GLY D 138 15.08 13.04 7.49
CA GLY D 138 16.01 12.18 8.20
C GLY D 138 15.62 11.82 9.62
N LYS D 139 14.57 12.40 10.19
CA LYS D 139 14.15 12.02 11.53
C LYS D 139 13.43 10.66 11.50
N LEU D 140 13.36 10.03 12.67
CA LEU D 140 12.74 8.71 12.72
C LEU D 140 11.23 8.84 12.85
N GLY D 141 10.51 8.05 12.07
CA GLY D 141 9.07 7.94 12.18
C GLY D 141 8.60 6.52 12.36
N SER D 142 7.52 6.34 13.12
CA SER D 142 6.99 5.03 13.46
C SER D 142 5.50 5.23 13.74
N VAL D 143 4.70 4.18 13.54
CA VAL D 143 3.24 4.32 13.57
C VAL D 143 2.62 3.18 14.37
N PHE D 144 1.54 3.49 15.07
CA PHE D 144 0.72 2.50 15.76
C PHE D 144 -0.72 2.87 15.52
N SER D 145 -1.62 1.88 15.56
N SER D 145 -1.60 1.87 15.58
CA SER D 145 -3.00 2.13 15.18
CA SER D 145 -2.98 2.05 15.15
C SER D 145 -3.96 1.37 16.07
C SER D 145 -3.95 1.35 16.07
N SER D 146 -5.24 1.57 15.80
CA SER D 146 -6.33 0.98 16.54
C SER D 146 -7.47 0.79 15.56
N THR D 147 -8.23 -0.28 15.76
CA THR D 147 -9.41 -0.54 14.96
C THR D 147 -10.46 -1.13 15.88
N GLY D 148 -11.70 -1.16 15.40
CA GLY D 148 -12.76 -1.83 16.12
C GLY D 148 -12.72 -3.36 16.04
N THR D 149 -12.52 -3.89 14.84
CA THR D 149 -12.60 -5.34 14.66
C THR D 149 -11.40 -5.86 13.89
N GLY D 150 -10.33 -5.08 13.81
CA GLY D 150 -9.11 -5.57 13.21
C GLY D 150 -8.85 -5.15 11.77
N GLY D 151 -9.92 -5.14 10.99
CA GLY D 151 -9.79 -4.87 9.58
C GLY D 151 -9.21 -3.51 9.29
N GLY D 152 -8.11 -3.49 8.55
CA GLY D 152 -7.51 -2.25 8.20
C GLY D 152 -6.36 -1.85 9.06
N GLN D 153 -6.06 -2.63 10.12
CA GLN D 153 -4.97 -2.23 11.00
C GLN D 153 -3.64 -2.17 10.28
N GLU D 154 -3.39 -3.04 9.29
CA GLU D 154 -2.14 -2.96 8.53
C GLU D 154 -2.17 -1.81 7.51
N GLN D 155 -3.24 -1.71 6.74
CA GLN D 155 -3.31 -0.64 5.75
C GLN D 155 -3.19 0.75 6.39
N THR D 156 -3.70 0.92 7.61
CA THR D 156 -3.60 2.22 8.28
C THR D 156 -2.15 2.62 8.55
N ILE D 157 -1.34 1.69 9.05
CA ILE D 157 0.07 1.99 9.31
C ILE D 157 0.81 2.24 8.01
N THR D 158 0.65 1.34 7.06
CA THR D 158 1.36 1.37 5.76
C THR D 158 1.06 2.64 4.95
N SER D 159 -0.21 3.03 4.90
CA SER D 159 -0.55 4.29 4.24
C SER D 159 -0.05 5.51 5.02
N THR D 160 0.18 5.40 6.33
CA THR D 160 0.78 6.51 7.04
C THR D 160 2.26 6.64 6.71
N TRP D 161 2.95 5.50 6.55
CA TRP D 161 4.37 5.53 6.15
C TRP D 161 4.62 6.38 4.90
N THR D 162 3.69 6.34 3.95
CA THR D 162 3.83 7.15 2.74
C THR D 162 4.11 8.61 3.10
N THR D 163 3.36 9.17 4.06
CA THR D 163 3.53 10.57 4.45
C THR D 163 4.89 10.80 5.10
N LEU D 164 5.31 9.86 5.92
CA LEU D 164 6.66 9.97 6.45
C LEU D 164 7.67 10.00 5.32
N ALA D 165 7.47 9.18 4.30
CA ALA D 165 8.43 9.12 3.20
C ALA D 165 8.54 10.46 2.47
N HIS D 166 7.40 11.12 2.20
CA HIS D 166 7.46 12.40 1.51
C HIS D 166 8.25 13.44 2.32
N HIS D 167 8.21 13.35 3.64
CA HIS D 167 9.00 14.20 4.49
C HIS D 167 10.43 13.72 4.65
N GLY D 168 10.73 12.59 4.05
CA GLY D 168 12.07 12.04 4.13
C GLY D 168 12.41 11.43 5.45
N MET D 169 11.41 11.10 6.22
CA MET D 169 11.67 10.43 7.48
C MET D 169 12.11 8.99 7.25
N VAL D 170 12.95 8.50 8.15
CA VAL D 170 13.30 7.08 8.23
C VAL D 170 12.13 6.36 8.88
N ILE D 171 11.64 5.32 8.21
CA ILE D 171 10.46 4.59 8.65
C ILE D 171 10.90 3.39 9.48
N VAL D 172 10.40 3.31 10.71
CA VAL D 172 10.82 2.25 11.62
C VAL D 172 9.65 1.30 11.86
N PRO D 173 9.64 0.12 11.21
CA PRO D 173 8.75 -0.95 11.62
C PRO D 173 9.34 -1.65 12.85
N ILE D 174 8.54 -2.52 13.46
CA ILE D 174 8.96 -3.25 14.65
C ILE D 174 9.27 -4.73 14.40
N GLY D 175 8.91 -5.25 13.22
CA GLY D 175 9.23 -6.64 12.93
C GLY D 175 8.61 -7.57 13.95
N TYR D 176 9.33 -8.68 14.24
CA TYR D 176 8.86 -9.74 15.12
C TYR D 176 9.73 -9.87 16.38
N ALA D 177 10.32 -8.75 16.82
CA ALA D 177 11.09 -8.76 18.05
C ALA D 177 10.21 -9.01 19.27
N ALA D 178 8.99 -8.48 19.26
CA ALA D 178 8.05 -8.64 20.36
C ALA D 178 7.45 -10.04 20.29
N GLN D 179 7.86 -10.89 21.22
CA GLN D 179 7.48 -12.29 21.20
C GLN D 179 6.00 -12.48 21.23
N GLU D 180 5.27 -11.50 21.75
CA GLU D 180 3.85 -11.68 21.70
C GLU D 180 3.38 -11.94 20.30
N LEU D 181 4.10 -11.50 19.28
CA LEU D 181 3.54 -11.57 17.94
C LEU D 181 3.49 -12.98 17.42
N PHE D 182 4.17 -13.91 18.05
CA PHE D 182 4.13 -15.30 17.63
C PHE D 182 2.97 -16.09 18.22
N ASP D 183 2.24 -15.52 19.17
CA ASP D 183 1.16 -16.21 19.86
C ASP D 183 -0.15 -15.85 19.18
N VAL D 184 -0.79 -16.85 18.56
CA VAL D 184 -2.09 -16.66 17.92
C VAL D 184 -3.15 -17.47 18.65
N SER D 185 -2.94 -17.71 19.96
CA SER D 185 -3.95 -18.41 20.75
C SER D 185 -5.13 -17.51 21.18
N GLN D 186 -4.97 -16.19 21.09
CA GLN D 186 -5.99 -15.24 21.54
C GLN D 186 -6.06 -14.07 20.56
N VAL D 187 -7.18 -13.38 20.59
CA VAL D 187 -7.28 -12.13 19.82
C VAL D 187 -6.27 -11.15 20.38
N ARG D 188 -5.52 -10.51 19.48
CA ARG D 188 -4.53 -9.51 19.91
C ARG D 188 -4.01 -8.71 18.71
N GLY D 189 -3.88 -7.38 18.89
CA GLY D 189 -3.34 -6.45 17.91
C GLY D 189 -1.81 -6.49 17.75
N GLY D 190 -1.26 -5.54 17.01
CA GLY D 190 0.15 -5.81 16.92
C GLY D 190 0.46 -6.52 15.64
N THR D 191 1.32 -5.90 14.86
CA THR D 191 1.74 -6.36 13.55
C THR D 191 3.21 -6.02 13.45
N PRO D 192 3.94 -6.65 12.52
CA PRO D 192 5.33 -6.26 12.28
C PRO D 192 5.47 -4.83 11.82
N TYR D 193 4.40 -4.19 11.33
CA TYR D 193 4.50 -2.82 10.88
C TYR D 193 4.42 -1.82 12.02
N GLY D 194 3.84 -2.23 13.13
CA GLY D 194 3.68 -1.38 14.30
C GLY D 194 2.65 -1.95 15.23
N ALA D 195 2.65 -1.42 16.44
CA ALA D 195 1.70 -1.88 17.45
C ALA D 195 0.29 -1.48 17.04
N THR D 196 -0.67 -2.32 17.38
CA THR D 196 -2.07 -1.98 17.21
C THR D 196 -2.85 -2.54 18.39
N THR D 197 -4.08 -2.07 18.55
CA THR D 197 -5.03 -2.64 19.51
C THR D 197 -6.39 -2.78 18.85
N ILE D 198 -7.19 -3.69 19.37
CA ILE D 198 -8.53 -3.96 18.88
C ILE D 198 -9.52 -3.51 19.95
N ALA D 199 -10.38 -2.55 19.61
CA ALA D 199 -11.27 -1.96 20.60
C ALA D 199 -12.59 -2.71 20.73
N GLY D 200 -12.93 -3.56 19.77
CA GLY D 200 -14.27 -4.11 19.70
C GLY D 200 -15.20 -3.22 18.90
N GLY D 201 -16.20 -3.85 18.32
CA GLY D 201 -17.21 -3.09 17.60
C GLY D 201 -17.85 -2.01 18.44
N ASP D 202 -18.11 -2.29 19.73
CA ASP D 202 -18.74 -1.30 20.61
C ASP D 202 -17.72 -0.54 21.46
N GLY D 203 -16.43 -0.72 21.18
CA GLY D 203 -15.40 -0.02 21.92
C GLY D 203 -15.13 -0.53 23.32
N SER D 204 -15.76 -1.62 23.72
CA SER D 204 -15.66 -2.05 25.11
C SER D 204 -14.35 -2.76 25.44
N ARG D 205 -13.62 -3.27 24.45
CA ARG D 205 -12.37 -3.98 24.70
C ARG D 205 -11.25 -2.99 25.00
N GLN D 206 -10.56 -3.23 26.06
CA GLN D 206 -9.42 -2.41 26.43
C GLN D 206 -8.11 -3.05 25.99
N PRO D 207 -7.10 -2.24 25.73
CA PRO D 207 -5.82 -2.79 25.28
C PRO D 207 -5.32 -3.83 26.27
N SER D 208 -4.92 -4.98 25.75
CA SER D 208 -4.43 -6.08 26.57
C SER D 208 -2.97 -5.86 26.96
N GLN D 209 -2.53 -6.61 27.97
CA GLN D 209 -1.14 -6.57 28.40
C GLN D 209 -0.20 -6.83 27.24
N GLU D 210 -0.55 -7.80 26.40
CA GLU D 210 0.29 -8.15 25.24
C GLU D 210 0.30 -7.03 24.21
N GLU D 211 -0.85 -6.42 23.93
CA GLU D 211 -0.86 -5.29 23.02
C GLU D 211 -0.03 -4.14 23.59
N LEU D 212 -0.15 -3.90 24.90
CA LEU D 212 0.60 -2.82 25.52
C LEU D 212 2.09 -3.15 25.56
N SER D 213 2.43 -4.42 25.75
CA SER D 213 3.85 -4.79 25.74
C SER D 213 4.46 -4.59 24.35
N ILE D 214 3.70 -4.84 23.30
CA ILE D 214 4.21 -4.52 21.97
C ILE D 214 4.40 -3.02 21.80
N ALA D 215 3.45 -2.24 22.31
CA ALA D 215 3.56 -0.78 22.17
C ALA D 215 4.78 -0.26 22.90
N ARG D 216 4.99 -0.74 24.12
CA ARG D 216 6.17 -0.36 24.88
C ARG D 216 7.45 -0.72 24.12
N TYR D 217 7.50 -1.91 23.52
CA TYR D 217 8.68 -2.24 22.75
C TYR D 217 8.91 -1.22 21.64
N GLN D 218 7.85 -0.88 20.91
CA GLN D 218 7.99 0.08 19.82
C GLN D 218 8.59 1.39 20.33
N GLY D 219 8.09 1.87 21.47
CA GLY D 219 8.64 3.09 22.02
C GLY D 219 10.12 2.96 22.35
N GLU D 220 10.50 1.90 23.06
CA GLU D 220 11.89 1.73 23.44
C GLU D 220 12.80 1.51 22.25
N TYR D 221 12.34 0.74 21.27
CA TYR D 221 13.14 0.49 20.08
C TYR D 221 13.40 1.78 19.31
N VAL D 222 12.35 2.56 19.04
CA VAL D 222 12.52 3.83 18.33
C VAL D 222 13.42 4.78 19.11
N ALA D 223 13.18 4.90 20.42
CA ALA D 223 13.96 5.82 21.24
C ALA D 223 15.43 5.45 21.24
N GLY D 224 15.72 4.16 21.36
CA GLY D 224 17.12 3.74 21.32
C GLY D 224 17.79 4.11 20.02
N LEU D 225 17.06 3.97 18.92
CA LEU D 225 17.56 4.32 17.61
C LEU D 225 17.81 5.81 17.50
N ALA D 226 16.89 6.62 18.04
CA ALA D 226 17.08 8.06 18.03
C ALA D 226 18.33 8.46 18.82
N VAL D 227 18.56 7.83 19.96
CA VAL D 227 19.74 8.12 20.77
C VAL D 227 21.01 7.73 20.01
N LYS D 228 21.00 6.56 19.35
CA LYS D 228 22.16 6.10 18.57
C LYS D 228 22.47 7.07 17.42
N LEU D 229 21.44 7.62 16.79
CA LEU D 229 21.69 8.53 15.69
C LEU D 229 22.19 9.91 16.14
N ASN D 230 22.23 10.20 17.44
CA ASN D 230 22.65 11.52 17.89
C ASN D 230 24.05 11.62 18.50
#